data_9ECL
#
_entry.id   9ECL
#
_entity_poly.entity_id   1
_entity_poly.type   'polypeptide(L)'
_entity_poly.pdbx_seq_one_letter_code
;GESVAGPNIAAIVGGTVAGIVLIGILLLVIWKALIHLSDLREY
;
_entity_poly.pdbx_strand_id   A
#
# COMPACT_ATOMS: atom_id res chain seq x y z
N GLY A 1 10.53 20.21 22.54
CA GLY A 1 11.62 20.59 21.59
C GLY A 1 11.79 19.46 20.60
N GLU A 2 12.06 18.26 21.11
CA GLU A 2 12.22 17.08 20.26
C GLU A 2 10.99 16.21 20.41
N SER A 3 10.34 16.30 21.57
CA SER A 3 9.12 15.54 21.78
C SER A 3 8.20 15.90 20.65
N VAL A 4 7.44 17.01 20.82
CA VAL A 4 6.51 17.58 19.81
C VAL A 4 6.51 16.79 18.50
N ALA A 5 6.66 15.48 18.61
CA ALA A 5 6.77 14.58 17.47
C ALA A 5 7.09 15.33 16.18
N GLY A 6 8.03 16.28 16.27
CA GLY A 6 8.48 17.02 15.10
C GLY A 6 8.83 15.95 14.08
N PRO A 7 9.60 14.96 14.51
CA PRO A 7 9.88 13.77 13.67
C PRO A 7 8.58 13.22 13.07
N ASN A 8 7.43 13.86 13.40
CA ASN A 8 6.16 13.46 12.80
C ASN A 8 6.46 13.46 11.33
N ILE A 9 7.37 14.33 10.96
CA ILE A 9 7.84 14.38 9.59
C ILE A 9 8.38 13.00 9.28
N ALA A 10 9.31 12.57 10.14
CA ALA A 10 9.90 11.24 10.03
C ALA A 10 8.81 10.16 10.08
N ALA A 11 7.96 10.20 11.10
CA ALA A 11 6.89 9.20 11.18
C ALA A 11 5.98 9.35 9.98
N ILE A 12 5.70 10.60 9.59
CA ILE A 12 4.85 10.82 8.43
C ILE A 12 5.59 10.28 7.22
N VAL A 13 6.88 10.60 7.11
CA VAL A 13 7.67 10.07 6.01
C VAL A 13 7.62 8.55 6.12
N GLY A 14 7.90 8.05 7.33
CA GLY A 14 7.91 6.61 7.56
C GLY A 14 6.54 5.97 7.30
N GLY A 15 5.50 6.53 7.91
CA GLY A 15 4.15 6.01 7.75
C GLY A 15 3.67 6.19 6.31
N THR A 16 3.95 7.35 5.74
CA THR A 16 3.52 7.64 4.37
C THR A 16 4.18 6.69 3.38
N VAL A 17 5.48 6.47 3.52
CA VAL A 17 6.21 5.57 2.62
C VAL A 17 5.64 4.16 2.76
N ALA A 18 5.46 3.71 4.00
CA ALA A 18 4.93 2.36 4.23
C ALA A 18 3.54 2.22 3.61
N GLY A 19 2.68 3.21 3.82
CA GLY A 19 1.33 3.16 3.28
C GLY A 19 1.32 3.06 1.76
N ILE A 20 2.18 3.85 1.11
CA ILE A 20 2.25 3.83 -0.35
C ILE A 20 2.66 2.45 -0.85
N VAL A 21 3.66 1.85 -0.19
CA VAL A 21 4.13 0.53 -0.57
C VAL A 21 3.01 -0.50 -0.38
N LEU A 22 2.32 -0.36 0.75
CA LEU A 22 1.24 -1.27 1.07
C LEU A 22 0.14 -1.20 0.00
N ILE A 23 -0.25 0.01 -0.37
CA ILE A 23 -1.31 0.18 -1.39
C ILE A 23 -0.83 -0.40 -2.72
N GLY A 24 0.41 -0.12 -3.08
CA GLY A 24 0.95 -0.59 -4.34
C GLY A 24 0.88 -2.12 -4.44
N ILE A 25 1.29 -2.81 -3.39
CA ILE A 25 1.20 -4.27 -3.39
C ILE A 25 -0.27 -4.69 -3.42
N LEU A 26 -1.09 -4.04 -2.61
CA LEU A 26 -2.51 -4.39 -2.55
C LEU A 26 -3.16 -4.20 -3.92
N LEU A 27 -2.84 -3.10 -4.58
CA LEU A 27 -3.41 -2.81 -5.90
C LEU A 27 -2.99 -3.88 -6.90
N LEU A 28 -1.70 -4.23 -6.82
CA LEU A 28 -1.12 -5.21 -7.73
C LEU A 28 -1.80 -6.58 -7.58
N VAL A 29 -2.06 -6.98 -6.34
CA VAL A 29 -2.69 -8.27 -6.08
C VAL A 29 -4.09 -8.32 -6.70
N ILE A 30 -4.87 -7.27 -6.50
CA ILE A 30 -6.22 -7.21 -7.04
C ILE A 30 -6.20 -7.24 -8.58
N TRP A 31 -5.29 -6.46 -9.13
CA TRP A 31 -5.18 -6.43 -10.59
C TRP A 31 -4.96 -7.86 -11.10
N LYS A 32 -4.01 -8.56 -10.47
CA LYS A 32 -3.69 -9.92 -10.87
C LYS A 32 -4.89 -10.86 -10.69
N ALA A 33 -5.59 -10.64 -9.59
CA ALA A 33 -6.77 -11.46 -9.31
C ALA A 33 -7.79 -11.30 -10.43
N LEU A 34 -8.01 -10.07 -10.88
CA LEU A 34 -8.99 -9.82 -11.94
C LEU A 34 -8.60 -10.58 -13.21
N ILE A 35 -7.32 -10.60 -13.54
CA ILE A 35 -6.87 -11.32 -14.73
C ILE A 35 -7.06 -12.82 -14.53
N HIS A 36 -6.75 -13.31 -13.33
CA HIS A 36 -6.94 -14.73 -13.04
C HIS A 36 -8.42 -15.06 -13.10
N LEU A 37 -9.24 -14.14 -12.59
CA LEU A 37 -10.67 -14.35 -12.58
C LEU A 37 -11.23 -14.52 -13.97
N SER A 38 -10.69 -13.73 -14.92
CA SER A 38 -11.12 -13.76 -16.31
C SER A 38 -10.73 -15.07 -17.00
N ASP A 39 -9.55 -15.60 -16.64
CA ASP A 39 -9.03 -16.84 -17.20
C ASP A 39 -9.54 -18.05 -16.42
N LEU A 40 -9.49 -17.97 -15.10
CA LEU A 40 -9.97 -19.06 -14.27
C LEU A 40 -11.42 -19.31 -14.60
N ARG A 41 -12.14 -18.22 -14.81
CA ARG A 41 -13.55 -18.30 -15.12
C ARG A 41 -13.87 -19.30 -16.21
N GLU A 42 -14.46 -20.42 -15.84
CA GLU A 42 -14.92 -21.34 -16.85
C GLU A 42 -16.22 -20.71 -17.32
N TYR A 43 -16.19 -20.13 -18.52
CA TYR A 43 -17.32 -19.38 -19.09
C TYR A 43 -17.05 -17.88 -18.96
N GLY A 1 -2.00 15.31 17.24
CA GLY A 1 -3.24 14.48 17.36
C GLY A 1 -3.67 13.99 15.98
N GLU A 2 -3.63 14.90 15.00
CA GLU A 2 -4.02 14.55 13.64
C GLU A 2 -3.05 13.53 13.06
N SER A 3 -3.60 12.53 12.37
CA SER A 3 -2.76 11.49 11.78
C SER A 3 -1.81 12.07 10.75
N VAL A 4 -2.30 13.03 9.97
CA VAL A 4 -1.48 13.66 8.94
C VAL A 4 -0.30 14.39 9.57
N ALA A 5 -0.58 15.14 10.63
CA ALA A 5 0.46 15.89 11.33
C ALA A 5 1.49 14.95 11.94
N GLY A 6 1.02 13.82 12.46
CA GLY A 6 1.90 12.85 13.08
C GLY A 6 2.68 13.47 14.24
N PRO A 7 3.18 12.67 15.14
CA PRO A 7 3.96 13.18 16.31
C PRO A 7 5.27 13.84 15.91
N ASN A 8 5.78 13.49 14.74
CA ASN A 8 7.03 14.06 14.25
C ASN A 8 7.12 13.99 12.73
N ILE A 9 8.06 14.73 12.17
CA ILE A 9 8.26 14.74 10.73
C ILE A 9 8.67 13.35 10.24
N ALA A 10 9.59 12.73 10.96
CA ALA A 10 10.07 11.41 10.59
C ALA A 10 8.93 10.39 10.63
N ALA A 11 8.05 10.53 11.61
CA ALA A 11 6.92 9.61 11.72
C ALA A 11 6.06 9.71 10.47
N ILE A 12 5.80 10.94 9.99
CA ILE A 12 4.97 11.11 8.80
C ILE A 12 5.66 10.49 7.58
N VAL A 13 6.95 10.76 7.43
CA VAL A 13 7.69 10.21 6.27
C VAL A 13 7.64 8.69 6.29
N GLY A 14 7.92 8.09 7.45
CA GLY A 14 7.93 6.64 7.57
C GLY A 14 6.55 6.03 7.32
N GLY A 15 5.52 6.61 7.93
CA GLY A 15 4.17 6.10 7.77
C GLY A 15 3.69 6.25 6.32
N THR A 16 3.99 7.41 5.73
CA THR A 16 3.57 7.70 4.36
C THR A 16 4.20 6.72 3.36
N VAL A 17 5.49 6.46 3.50
CA VAL A 17 6.18 5.55 2.58
C VAL A 17 5.60 4.14 2.72
N ALA A 18 5.43 3.70 3.96
CA ALA A 18 4.89 2.37 4.21
C ALA A 18 3.49 2.21 3.62
N GLY A 19 2.65 3.22 3.81
CA GLY A 19 1.28 3.17 3.30
C GLY A 19 1.28 3.08 1.77
N ILE A 20 2.17 3.83 1.13
CA ILE A 20 2.24 3.81 -0.33
C ILE A 20 2.64 2.43 -0.82
N VAL A 21 3.62 1.83 -0.15
CA VAL A 21 4.09 0.50 -0.52
C VAL A 21 2.97 -0.53 -0.34
N LEU A 22 2.27 -0.44 0.78
CA LEU A 22 1.19 -1.38 1.06
C LEU A 22 0.08 -1.26 0.01
N ILE A 23 -0.27 -0.03 -0.35
CA ILE A 23 -1.32 0.18 -1.34
C ILE A 23 -0.90 -0.38 -2.70
N GLY A 24 0.34 -0.12 -3.08
CA GLY A 24 0.83 -0.61 -4.36
C GLY A 24 0.75 -2.14 -4.42
N ILE A 25 1.13 -2.79 -3.33
CA ILE A 25 1.08 -4.25 -3.28
C ILE A 25 -0.38 -4.71 -3.39
N LEU A 26 -1.26 -4.04 -2.67
CA LEU A 26 -2.68 -4.40 -2.69
C LEU A 26 -3.25 -4.22 -4.09
N LEU A 27 -2.87 -3.13 -4.75
CA LEU A 27 -3.37 -2.86 -6.09
C LEU A 27 -2.91 -3.95 -7.05
N LEU A 28 -1.65 -4.33 -6.92
CA LEU A 28 -1.08 -5.37 -7.78
C LEU A 28 -1.79 -6.70 -7.58
N VAL A 29 -2.08 -7.05 -6.33
CA VAL A 29 -2.77 -8.30 -6.04
C VAL A 29 -4.15 -8.31 -6.64
N ILE A 30 -4.88 -7.21 -6.47
CA ILE A 30 -6.23 -7.12 -7.02
C ILE A 30 -6.20 -7.18 -8.54
N TRP A 31 -5.24 -6.45 -9.13
CA TRP A 31 -5.13 -6.46 -10.58
C TRP A 31 -4.92 -7.90 -11.05
N LYS A 32 -4.01 -8.60 -10.38
CA LYS A 32 -3.70 -9.99 -10.71
C LYS A 32 -4.94 -10.86 -10.51
N ALA A 33 -5.67 -10.55 -9.45
CA ALA A 33 -6.86 -11.33 -9.14
C ALA A 33 -7.86 -11.23 -10.30
N LEU A 34 -8.05 -10.03 -10.82
CA LEU A 34 -8.98 -9.81 -11.92
C LEU A 34 -8.57 -10.56 -13.19
N ILE A 35 -7.28 -10.54 -13.51
CA ILE A 35 -6.78 -11.20 -14.73
C ILE A 35 -6.99 -12.71 -14.70
N HIS A 36 -6.68 -13.35 -13.58
CA HIS A 36 -6.82 -14.80 -13.48
C HIS A 36 -8.29 -15.19 -13.38
N LEU A 37 -9.08 -14.33 -12.75
CA LEU A 37 -10.51 -14.60 -12.61
C LEU A 37 -11.17 -14.69 -13.97
N SER A 38 -10.78 -13.78 -14.86
CA SER A 38 -11.31 -13.72 -16.21
C SER A 38 -11.07 -15.03 -16.95
N ASP A 39 -9.97 -15.69 -16.64
CA ASP A 39 -9.66 -16.97 -17.28
C ASP A 39 -10.31 -18.12 -16.52
N LEU A 40 -10.61 -17.89 -15.25
CA LEU A 40 -11.25 -18.91 -14.42
C LEU A 40 -12.67 -18.49 -14.08
N ARG A 41 -13.60 -18.76 -14.98
CA ARG A 41 -15.00 -18.40 -14.76
C ARG A 41 -15.55 -19.15 -13.55
N GLU A 42 -15.23 -20.44 -13.45
CA GLU A 42 -15.69 -21.26 -12.34
C GLU A 42 -15.08 -20.77 -11.03
N TYR A 43 -13.81 -20.39 -11.07
CA TYR A 43 -13.12 -19.91 -9.89
C TYR A 43 -13.36 -20.87 -8.72
N GLY A 1 13.96 24.91 19.28
CA GLY A 1 12.64 24.91 18.60
C GLY A 1 12.55 23.72 17.66
N GLU A 2 13.44 22.75 17.85
CA GLU A 2 13.45 21.56 17.00
C GLU A 2 12.18 20.74 17.22
N SER A 3 11.74 20.67 18.47
CA SER A 3 10.53 19.92 18.80
C SER A 3 9.31 20.57 18.18
N VAL A 4 8.37 19.74 17.72
CA VAL A 4 7.14 20.23 17.10
C VAL A 4 5.92 19.72 17.84
N ALA A 5 4.99 20.62 18.15
CA ALA A 5 3.78 20.24 18.85
C ALA A 5 2.94 19.29 18.00
N GLY A 6 2.91 19.54 16.69
CA GLY A 6 2.15 18.70 15.78
C GLY A 6 2.85 17.36 15.56
N PRO A 7 2.40 16.62 14.57
CA PRO A 7 2.99 15.29 14.23
C PRO A 7 4.46 15.39 13.84
N ASN A 8 5.23 14.37 14.19
CA ASN A 8 6.65 14.36 13.86
C ASN A 8 6.86 14.18 12.37
N ILE A 9 7.83 14.91 11.80
CA ILE A 9 8.09 14.82 10.37
C ILE A 9 8.57 13.42 10.01
N ALA A 10 9.48 12.87 10.81
CA ALA A 10 9.99 11.52 10.55
C ALA A 10 8.86 10.50 10.60
N ALA A 11 7.95 10.66 11.55
CA ALA A 11 6.81 9.74 11.67
C ALA A 11 5.96 9.78 10.41
N ILE A 12 5.69 10.98 9.92
CA ILE A 12 4.88 11.13 8.71
C ILE A 12 5.56 10.52 7.49
N VAL A 13 6.86 10.78 7.36
CA VAL A 13 7.60 10.23 6.22
C VAL A 13 7.58 8.71 6.27
N GLY A 14 7.86 8.14 7.44
CA GLY A 14 7.89 6.70 7.59
C GLY A 14 6.53 6.05 7.34
N GLY A 15 5.49 6.62 7.93
CA GLY A 15 4.13 6.09 7.76
C GLY A 15 3.66 6.24 6.31
N THR A 16 3.95 7.39 5.72
CA THR A 16 3.55 7.66 4.35
C THR A 16 4.19 6.67 3.37
N VAL A 17 5.49 6.45 3.51
CA VAL A 17 6.18 5.51 2.63
C VAL A 17 5.62 4.10 2.80
N ALA A 18 5.45 3.69 4.04
CA ALA A 18 4.93 2.36 4.32
C ALA A 18 3.54 2.19 3.74
N GLY A 19 2.68 3.18 3.94
CA GLY A 19 1.31 3.11 3.42
C GLY A 19 1.31 3.01 1.90
N ILE A 20 2.22 3.74 1.27
CA ILE A 20 2.33 3.72 -0.18
C ILE A 20 2.72 2.32 -0.66
N VAL A 21 3.68 1.72 0.03
CA VAL A 21 4.13 0.37 -0.32
C VAL A 21 2.99 -0.65 -0.17
N LEU A 22 2.27 -0.55 0.94
CA LEU A 22 1.17 -1.49 1.18
C LEU A 22 0.09 -1.34 0.12
N ILE A 23 -0.24 -0.10 -0.24
CA ILE A 23 -1.25 0.14 -1.25
C ILE A 23 -0.81 -0.40 -2.62
N GLY A 24 0.45 -0.13 -2.97
CA GLY A 24 0.97 -0.56 -4.27
C GLY A 24 0.90 -2.08 -4.45
N ILE A 25 1.34 -2.83 -3.44
CA ILE A 25 1.29 -4.29 -3.54
C ILE A 25 -0.16 -4.78 -3.55
N LEU A 26 -1.01 -4.15 -2.75
CA LEU A 26 -2.40 -4.55 -2.68
C LEU A 26 -3.08 -4.36 -4.04
N LEU A 27 -2.79 -3.24 -4.70
CA LEU A 27 -3.39 -2.98 -6.01
C LEU A 27 -2.93 -4.03 -7.02
N LEU A 28 -1.65 -4.37 -6.96
CA LEU A 28 -1.09 -5.36 -7.88
C LEU A 28 -1.76 -6.72 -7.69
N VAL A 29 -1.98 -7.10 -6.43
CA VAL A 29 -2.61 -8.38 -6.14
C VAL A 29 -4.03 -8.42 -6.71
N ILE A 30 -4.78 -7.34 -6.48
CA ILE A 30 -6.15 -7.26 -6.99
C ILE A 30 -6.15 -7.26 -8.51
N TRP A 31 -5.23 -6.51 -9.10
CA TRP A 31 -5.15 -6.46 -10.55
C TRP A 31 -4.93 -7.87 -11.09
N LYS A 32 -3.99 -8.57 -10.48
CA LYS A 32 -3.67 -9.94 -10.89
C LYS A 32 -4.87 -10.86 -10.72
N ALA A 33 -5.58 -10.66 -9.61
CA ALA A 33 -6.75 -11.48 -9.33
C ALA A 33 -7.82 -11.27 -10.40
N LEU A 34 -8.02 -10.03 -10.83
CA LEU A 34 -9.02 -9.73 -11.86
C LEU A 34 -8.66 -10.45 -13.16
N ILE A 35 -7.38 -10.44 -13.50
CA ILE A 35 -6.90 -11.09 -14.71
C ILE A 35 -7.13 -12.60 -14.60
N HIS A 36 -6.84 -13.15 -13.44
CA HIS A 36 -7.01 -14.59 -13.21
C HIS A 36 -8.49 -14.96 -13.23
N LEU A 37 -9.33 -14.08 -12.71
CA LEU A 37 -10.76 -14.34 -12.66
C LEU A 37 -11.34 -14.49 -14.06
N SER A 38 -10.90 -13.62 -14.96
CA SER A 38 -11.35 -13.64 -16.35
C SER A 38 -11.06 -14.99 -17.01
N ASP A 39 -9.95 -15.61 -16.60
CA ASP A 39 -9.57 -16.91 -17.16
C ASP A 39 -10.25 -18.05 -16.40
N LEU A 40 -10.71 -17.76 -15.19
CA LEU A 40 -11.38 -18.79 -14.38
C LEU A 40 -12.88 -18.51 -14.27
N ARG A 41 -13.68 -19.54 -14.54
CA ARG A 41 -15.13 -19.40 -14.48
C ARG A 41 -15.74 -20.50 -13.62
N GLU A 42 -16.81 -20.16 -12.90
CA GLU A 42 -17.47 -21.13 -12.04
C GLU A 42 -18.10 -22.24 -12.88
N TYR A 43 -18.66 -21.86 -14.02
CA TYR A 43 -19.30 -22.82 -14.91
C TYR A 43 -20.36 -23.63 -14.15
N GLY A 1 -7.05 4.60 16.68
CA GLY A 1 -6.05 3.79 17.44
C GLY A 1 -4.64 4.26 17.09
N GLU A 2 -4.36 4.36 15.80
CA GLU A 2 -3.05 4.81 15.34
C GLU A 2 -2.80 6.25 15.75
N SER A 3 -1.59 6.54 16.21
CA SER A 3 -1.24 7.90 16.62
C SER A 3 -1.11 8.82 15.42
N VAL A 4 -1.46 10.08 15.62
CA VAL A 4 -1.39 11.06 14.53
C VAL A 4 0.06 11.26 14.08
N ALA A 5 0.97 11.32 15.05
CA ALA A 5 2.39 11.51 14.73
C ALA A 5 2.58 12.66 13.75
N GLY A 6 1.52 13.42 13.52
CA GLY A 6 1.59 14.55 12.60
C GLY A 6 2.76 15.47 12.94
N PRO A 7 2.88 15.84 14.19
CA PRO A 7 3.98 16.74 14.65
C PRO A 7 5.37 16.21 14.27
N ASN A 8 5.52 14.89 14.31
CA ASN A 8 6.81 14.28 13.98
C ASN A 8 6.95 14.12 12.46
N ILE A 9 7.90 14.86 11.89
CA ILE A 9 8.14 14.79 10.46
C ILE A 9 8.60 13.40 10.04
N ALA A 10 9.51 12.84 10.83
CA ALA A 10 10.04 11.50 10.53
C ALA A 10 8.93 10.46 10.58
N ALA A 11 8.02 10.61 11.53
CA ALA A 11 6.92 9.67 11.67
C ALA A 11 6.04 9.70 10.41
N ILE A 12 5.79 10.92 9.91
CA ILE A 12 4.97 11.07 8.72
C ILE A 12 5.65 10.42 7.50
N VAL A 13 6.94 10.68 7.37
CA VAL A 13 7.67 10.12 6.23
C VAL A 13 7.63 8.60 6.28
N GLY A 14 7.90 8.04 7.46
CA GLY A 14 7.91 6.60 7.62
C GLY A 14 6.55 5.97 7.36
N GLY A 15 5.51 6.54 7.96
CA GLY A 15 4.17 6.02 7.80
C GLY A 15 3.67 6.20 6.36
N THR A 16 3.97 7.35 5.77
CA THR A 16 3.55 7.64 4.41
C THR A 16 4.17 6.66 3.42
N VAL A 17 5.48 6.42 3.55
CA VAL A 17 6.15 5.50 2.65
C VAL A 17 5.57 4.09 2.78
N ALA A 18 5.39 3.66 4.02
CA ALA A 18 4.84 2.33 4.27
C ALA A 18 3.45 2.19 3.68
N GLY A 19 2.61 3.20 3.88
CA GLY A 19 1.25 3.16 3.35
C GLY A 19 1.24 3.09 1.83
N ILE A 20 2.14 3.84 1.20
CA ILE A 20 2.22 3.83 -0.26
C ILE A 20 2.63 2.45 -0.77
N VAL A 21 3.60 1.85 -0.09
CA VAL A 21 4.08 0.52 -0.48
C VAL A 21 2.96 -0.51 -0.30
N LEU A 22 2.26 -0.41 0.83
CA LEU A 22 1.18 -1.35 1.11
C LEU A 22 0.09 -1.24 0.05
N ILE A 23 -0.28 -0.01 -0.30
CA ILE A 23 -1.32 0.19 -1.32
C ILE A 23 -0.86 -0.33 -2.67
N GLY A 24 0.39 -0.07 -3.03
CA GLY A 24 0.88 -0.55 -4.32
C GLY A 24 0.82 -2.07 -4.39
N ILE A 25 1.23 -2.74 -3.32
CA ILE A 25 1.20 -4.20 -3.29
C ILE A 25 -0.26 -4.68 -3.38
N LEU A 26 -1.13 -4.02 -2.63
CA LEU A 26 -2.55 -4.41 -2.62
C LEU A 26 -3.16 -4.24 -4.01
N LEU A 27 -2.82 -3.14 -4.67
CA LEU A 27 -3.35 -2.89 -6.01
C LEU A 27 -2.89 -3.96 -6.98
N LEU A 28 -1.62 -4.35 -6.89
CA LEU A 28 -1.06 -5.35 -7.78
C LEU A 28 -1.75 -6.69 -7.61
N VAL A 29 -2.00 -7.07 -6.36
CA VAL A 29 -2.66 -8.34 -6.08
C VAL A 29 -4.06 -8.37 -6.66
N ILE A 30 -4.81 -7.29 -6.44
CA ILE A 30 -6.17 -7.19 -6.97
C ILE A 30 -6.15 -7.20 -8.49
N TRP A 31 -5.23 -6.44 -9.07
CA TRP A 31 -5.14 -6.40 -10.52
C TRP A 31 -4.92 -7.80 -11.08
N LYS A 32 -3.96 -8.51 -10.48
CA LYS A 32 -3.63 -9.86 -10.90
C LYS A 32 -4.82 -10.81 -10.72
N ALA A 33 -5.53 -10.60 -9.61
CA ALA A 33 -6.69 -11.45 -9.31
C ALA A 33 -7.74 -11.31 -10.40
N LEU A 34 -7.95 -10.09 -10.88
CA LEU A 34 -8.93 -9.84 -11.92
C LEU A 34 -8.56 -10.59 -13.20
N ILE A 35 -7.28 -10.60 -13.53
CA ILE A 35 -6.81 -11.27 -14.73
C ILE A 35 -7.06 -12.78 -14.64
N HIS A 36 -6.78 -13.36 -13.48
CA HIS A 36 -7.00 -14.79 -13.27
C HIS A 36 -8.49 -15.13 -13.29
N LEU A 37 -9.29 -14.24 -12.73
CA LEU A 37 -10.73 -14.46 -12.65
C LEU A 37 -11.35 -14.56 -14.05
N SER A 38 -10.89 -13.70 -14.95
CA SER A 38 -11.39 -13.68 -16.33
C SER A 38 -11.15 -15.03 -17.00
N ASP A 39 -10.03 -15.66 -16.67
CA ASP A 39 -9.71 -16.97 -17.21
C ASP A 39 -10.60 -18.02 -16.55
N LEU A 40 -10.78 -17.88 -15.24
CA LEU A 40 -11.62 -18.82 -14.50
C LEU A 40 -13.06 -18.77 -14.99
N ARG A 41 -13.55 -17.56 -15.23
CA ARG A 41 -14.92 -17.39 -15.70
C ARG A 41 -15.07 -17.93 -17.13
N GLU A 42 -16.12 -18.70 -17.36
CA GLU A 42 -16.38 -19.28 -18.68
C GLU A 42 -17.76 -18.90 -19.18
N TYR A 43 -17.85 -18.52 -20.45
CA TYR A 43 -19.13 -18.14 -21.04
C TYR A 43 -19.29 -18.75 -22.43
N GLY A 1 -0.04 26.42 23.93
CA GLY A 1 1.35 26.13 24.38
C GLY A 1 1.80 24.77 23.85
N GLU A 2 1.72 23.76 24.69
CA GLU A 2 2.13 22.42 24.29
C GLU A 2 1.20 21.89 23.19
N SER A 3 1.80 21.24 22.19
CA SER A 3 1.02 20.70 21.08
C SER A 3 0.11 19.58 21.57
N VAL A 4 -1.10 19.51 21.01
CA VAL A 4 -2.05 18.47 21.41
C VAL A 4 -1.51 17.09 21.08
N ALA A 5 -0.97 16.95 19.86
CA ALA A 5 -0.42 15.66 19.42
C ALA A 5 1.04 15.82 19.01
N GLY A 6 1.45 17.06 18.77
CA GLY A 6 2.82 17.34 18.36
C GLY A 6 3.33 16.28 17.38
N PRO A 7 2.83 16.30 16.18
CA PRO A 7 3.22 15.33 15.12
C PRO A 7 4.70 15.43 14.77
N ASN A 8 5.31 14.30 14.45
CA ASN A 8 6.73 14.29 14.09
C ASN A 8 6.90 14.16 12.59
N ILE A 9 7.87 14.87 12.03
CA ILE A 9 8.12 14.83 10.60
C ILE A 9 8.59 13.44 10.17
N ALA A 10 9.49 12.85 10.95
CA ALA A 10 10.01 11.53 10.62
C ALA A 10 8.90 10.48 10.66
N ALA A 11 7.98 10.62 11.61
CA ALA A 11 6.88 9.68 11.71
C ALA A 11 6.01 9.74 10.46
N ILE A 12 5.75 10.96 9.98
CA ILE A 12 4.93 11.12 8.78
C ILE A 12 5.61 10.51 7.56
N VAL A 13 6.91 10.77 7.43
CA VAL A 13 7.64 10.24 6.29
C VAL A 13 7.60 8.71 6.32
N GLY A 14 7.88 8.14 7.49
CA GLY A 14 7.91 6.69 7.63
C GLY A 14 6.55 6.06 7.37
N GLY A 15 5.51 6.61 7.98
CA GLY A 15 4.16 6.08 7.80
C GLY A 15 3.68 6.25 6.37
N THR A 16 3.97 7.41 5.77
CA THR A 16 3.55 7.70 4.41
C THR A 16 4.19 6.73 3.42
N VAL A 17 5.48 6.50 3.55
CA VAL A 17 6.17 5.59 2.64
C VAL A 17 5.60 4.18 2.78
N ALA A 18 5.43 3.73 4.01
CA ALA A 18 4.91 2.40 4.27
C ALA A 18 3.51 2.24 3.67
N GLY A 19 2.65 3.23 3.87
CA GLY A 19 1.29 3.15 3.35
C GLY A 19 1.28 3.08 1.82
N ILE A 20 2.14 3.87 1.18
CA ILE A 20 2.20 3.87 -0.28
C ILE A 20 2.62 2.49 -0.81
N VAL A 21 3.63 1.90 -0.16
CA VAL A 21 4.10 0.56 -0.56
C VAL A 21 3.00 -0.47 -0.35
N LEU A 22 2.29 -0.39 0.78
CA LEU A 22 1.22 -1.36 1.05
C LEU A 22 0.12 -1.26 -0.01
N ILE A 23 -0.23 -0.04 -0.40
CA ILE A 23 -1.26 0.14 -1.40
C ILE A 23 -0.82 -0.45 -2.74
N GLY A 24 0.44 -0.20 -3.09
CA GLY A 24 0.95 -0.69 -4.37
C GLY A 24 0.88 -2.22 -4.43
N ILE A 25 1.26 -2.86 -3.33
CA ILE A 25 1.21 -4.32 -3.27
C ILE A 25 -0.24 -4.79 -3.40
N LEU A 26 -1.14 -4.11 -2.68
CA LEU A 26 -2.55 -4.48 -2.73
C LEU A 26 -3.12 -4.30 -4.13
N LEU A 27 -2.73 -3.21 -4.79
CA LEU A 27 -3.19 -2.94 -6.14
C LEU A 27 -2.74 -4.05 -7.09
N LEU A 28 -1.48 -4.45 -6.94
CA LEU A 28 -0.92 -5.50 -7.79
C LEU A 28 -1.66 -6.82 -7.59
N VAL A 29 -1.94 -7.18 -6.33
CA VAL A 29 -2.60 -8.44 -6.03
C VAL A 29 -4.02 -8.51 -6.60
N ILE A 30 -4.79 -7.45 -6.42
CA ILE A 30 -6.16 -7.44 -6.94
C ILE A 30 -6.16 -7.38 -8.47
N TRP A 31 -5.25 -6.60 -9.02
CA TRP A 31 -5.17 -6.51 -10.47
C TRP A 31 -4.95 -7.91 -11.05
N LYS A 32 -4.01 -8.63 -10.47
CA LYS A 32 -3.69 -9.98 -10.91
C LYS A 32 -4.89 -10.91 -10.74
N ALA A 33 -5.59 -10.73 -9.63
CA ALA A 33 -6.76 -11.55 -9.34
C ALA A 33 -7.83 -11.33 -10.41
N LEU A 34 -8.04 -10.09 -10.81
CA LEU A 34 -9.04 -9.77 -11.82
C LEU A 34 -8.70 -10.46 -13.14
N ILE A 35 -7.42 -10.44 -13.49
CA ILE A 35 -6.95 -11.08 -14.71
C ILE A 35 -7.19 -12.59 -14.63
N HIS A 36 -6.89 -13.17 -13.47
CA HIS A 36 -7.06 -14.60 -13.25
C HIS A 36 -8.54 -14.97 -13.29
N LEU A 37 -9.38 -14.11 -12.75
CA LEU A 37 -10.82 -14.36 -12.70
C LEU A 37 -11.41 -14.48 -14.11
N SER A 38 -10.95 -13.59 -15.00
CA SER A 38 -11.41 -13.57 -16.38
C SER A 38 -11.13 -14.90 -17.07
N ASP A 39 -10.02 -15.53 -16.70
CA ASP A 39 -9.65 -16.82 -17.29
C ASP A 39 -10.30 -17.96 -16.51
N LEU A 40 -10.65 -17.70 -15.26
CA LEU A 40 -11.29 -18.69 -14.42
C LEU A 40 -12.64 -19.09 -15.01
N ARG A 41 -13.39 -18.09 -15.47
CA ARG A 41 -14.70 -18.35 -16.06
C ARG A 41 -14.63 -18.28 -17.58
N GLU A 42 -15.28 -19.23 -18.24
CA GLU A 42 -15.29 -19.27 -19.70
C GLU A 42 -16.70 -19.01 -20.23
N TYR A 43 -16.83 -18.03 -21.12
CA TYR A 43 -18.12 -17.70 -21.70
C TYR A 43 -18.26 -18.30 -23.09
N GLY A 1 13.41 15.64 31.45
CA GLY A 1 14.56 15.70 30.50
C GLY A 1 15.09 14.31 30.24
N GLU A 2 14.49 13.31 30.91
CA GLU A 2 14.92 11.93 30.74
C GLU A 2 14.62 11.45 29.32
N SER A 3 13.47 11.86 28.79
CA SER A 3 13.07 11.48 27.44
C SER A 3 12.65 12.71 26.64
N VAL A 4 12.81 12.62 25.31
CA VAL A 4 12.45 13.72 24.43
C VAL A 4 11.43 13.26 23.39
N ALA A 5 10.36 14.03 23.23
CA ALA A 5 9.33 13.68 22.26
C ALA A 5 9.89 13.71 20.84
N GLY A 6 10.76 14.67 20.57
CA GLY A 6 11.37 14.80 19.25
C GLY A 6 10.32 15.20 18.21
N PRO A 7 10.76 15.53 17.03
CA PRO A 7 9.86 15.95 15.92
C PRO A 7 9.02 14.79 15.38
N ASN A 8 7.85 15.12 14.86
CA ASN A 8 6.96 14.08 14.30
C ASN A 8 7.13 13.97 12.79
N ILE A 9 8.11 14.70 12.26
CA ILE A 9 8.35 14.68 10.82
C ILE A 9 8.77 13.27 10.38
N ALA A 10 9.65 12.64 11.16
CA ALA A 10 10.11 11.30 10.82
C ALA A 10 8.96 10.31 10.83
N ALA A 11 8.05 10.46 11.79
CA ALA A 11 6.91 9.56 11.89
C ALA A 11 6.05 9.67 10.63
N ILE A 12 5.82 10.91 10.18
CA ILE A 12 4.99 11.13 8.99
C ILE A 12 5.66 10.53 7.75
N VAL A 13 6.97 10.78 7.61
CA VAL A 13 7.69 10.27 6.45
C VAL A 13 7.62 8.74 6.41
N GLY A 14 7.90 8.13 7.56
CA GLY A 14 7.90 6.66 7.63
C GLY A 14 6.53 6.06 7.38
N GLY A 15 5.50 6.65 7.96
CA GLY A 15 4.13 6.17 7.77
C GLY A 15 3.67 6.35 6.33
N THR A 16 3.99 7.50 5.76
CA THR A 16 3.58 7.81 4.39
C THR A 16 4.17 6.84 3.36
N VAL A 17 5.47 6.57 3.45
CA VAL A 17 6.10 5.66 2.50
C VAL A 17 5.52 4.25 2.65
N ALA A 18 5.33 3.83 3.89
CA ALA A 18 4.79 2.50 4.15
C ALA A 18 3.41 2.34 3.54
N GLY A 19 2.56 3.36 3.71
CA GLY A 19 1.22 3.31 3.16
C GLY A 19 1.24 3.19 1.64
N ILE A 20 2.15 3.92 1.00
CA ILE A 20 2.26 3.88 -0.45
C ILE A 20 2.66 2.47 -0.90
N VAL A 21 3.62 1.88 -0.19
CA VAL A 21 4.08 0.53 -0.52
C VAL A 21 2.95 -0.48 -0.35
N LEU A 22 2.21 -0.35 0.75
CA LEU A 22 1.11 -1.27 1.02
C LEU A 22 0.05 -1.16 -0.07
N ILE A 23 -0.28 0.05 -0.48
CA ILE A 23 -1.29 0.25 -1.51
C ILE A 23 -0.82 -0.35 -2.84
N GLY A 24 0.44 -0.11 -3.19
CA GLY A 24 0.98 -0.61 -4.45
C GLY A 24 0.91 -2.13 -4.56
N ILE A 25 1.34 -2.85 -3.51
CA ILE A 25 1.29 -4.31 -3.55
C ILE A 25 -0.16 -4.79 -3.56
N LEU A 26 -1.01 -4.16 -2.75
CA LEU A 26 -2.41 -4.56 -2.70
C LEU A 26 -3.08 -4.36 -4.05
N LEU A 27 -2.77 -3.24 -4.70
CA LEU A 27 -3.34 -2.94 -6.01
C LEU A 27 -2.91 -4.00 -7.03
N LEU A 28 -1.63 -4.39 -6.96
CA LEU A 28 -1.08 -5.39 -7.86
C LEU A 28 -1.79 -6.73 -7.69
N VAL A 29 -2.04 -7.11 -6.44
CA VAL A 29 -2.71 -8.37 -6.16
C VAL A 29 -4.12 -8.37 -6.74
N ILE A 30 -4.84 -7.29 -6.53
CA ILE A 30 -6.21 -7.17 -7.04
C ILE A 30 -6.20 -7.18 -8.57
N TRP A 31 -5.27 -6.44 -9.15
CA TRP A 31 -5.16 -6.40 -10.60
C TRP A 31 -4.94 -7.82 -11.11
N LYS A 32 -4.00 -8.52 -10.47
CA LYS A 32 -3.67 -9.89 -10.86
C LYS A 32 -4.88 -10.81 -10.67
N ALA A 33 -5.60 -10.59 -9.57
CA ALA A 33 -6.76 -11.42 -9.27
C ALA A 33 -7.80 -11.29 -10.39
N LEU A 34 -7.98 -10.09 -10.90
CA LEU A 34 -8.96 -9.87 -11.97
C LEU A 34 -8.58 -10.67 -13.21
N ILE A 35 -7.29 -10.71 -13.52
CA ILE A 35 -6.81 -11.44 -14.68
C ILE A 35 -7.08 -12.95 -14.52
N HIS A 36 -6.82 -13.49 -13.34
CA HIS A 36 -7.05 -14.92 -13.08
C HIS A 36 -8.54 -15.25 -13.11
N LEU A 37 -9.36 -14.37 -12.55
CA LEU A 37 -10.80 -14.60 -12.51
C LEU A 37 -11.40 -14.69 -13.91
N SER A 38 -10.92 -13.83 -14.79
CA SER A 38 -11.37 -13.77 -16.17
C SER A 38 -11.18 -15.12 -16.85
N ASP A 39 -10.14 -15.85 -16.45
CA ASP A 39 -9.85 -17.16 -17.02
C ASP A 39 -10.64 -18.26 -16.29
N LEU A 40 -11.38 -17.86 -15.25
CA LEU A 40 -12.18 -18.82 -14.48
C LEU A 40 -13.66 -18.61 -14.76
N ARG A 41 -14.36 -19.71 -15.02
CA ARG A 41 -15.79 -19.66 -15.30
C ARG A 41 -16.56 -19.16 -14.09
N GLU A 42 -16.15 -19.60 -12.91
CA GLU A 42 -16.83 -19.18 -11.68
C GLU A 42 -16.73 -17.67 -11.50
N TYR A 43 -17.83 -17.06 -11.09
CA TYR A 43 -17.86 -15.62 -10.89
C TYR A 43 -17.22 -14.89 -12.07
N GLY A 1 16.60 21.39 6.73
CA GLY A 1 15.67 20.62 7.61
C GLY A 1 14.64 21.56 8.22
N GLU A 2 14.23 22.56 7.45
CA GLU A 2 13.24 23.53 7.91
C GLU A 2 13.70 24.19 9.20
N SER A 3 13.15 25.36 9.49
CA SER A 3 13.51 26.09 10.70
C SER A 3 13.17 25.25 11.94
N VAL A 4 12.00 24.63 11.91
CA VAL A 4 11.56 23.80 13.04
C VAL A 4 11.26 22.37 12.58
N ALA A 5 11.80 21.40 13.31
CA ALA A 5 11.58 19.99 12.96
C ALA A 5 11.69 19.12 14.21
N GLY A 6 11.01 17.99 14.19
CA GLY A 6 11.02 17.08 15.32
C GLY A 6 10.71 15.65 14.89
N PRO A 7 10.51 14.77 15.82
CA PRO A 7 10.19 13.33 15.56
C PRO A 7 8.91 13.16 14.74
N ASN A 8 8.04 14.16 14.80
CA ASN A 8 6.78 14.12 14.08
C ASN A 8 6.98 14.01 12.56
N ILE A 9 7.95 14.76 12.01
CA ILE A 9 8.16 14.71 10.57
C ILE A 9 8.63 13.33 10.13
N ALA A 10 9.52 12.72 10.91
CA ALA A 10 10.04 11.40 10.58
C ALA A 10 8.92 10.37 10.61
N ALA A 11 8.01 10.51 11.56
CA ALA A 11 6.90 9.57 11.67
C ALA A 11 6.03 9.64 10.42
N ILE A 12 5.78 10.86 9.94
CA ILE A 12 4.96 11.04 8.76
C ILE A 12 5.63 10.43 7.53
N VAL A 13 6.93 10.67 7.40
CA VAL A 13 7.65 10.13 6.26
C VAL A 13 7.61 8.61 6.28
N GLY A 14 7.88 8.03 7.45
CA GLY A 14 7.89 6.59 7.59
C GLY A 14 6.53 5.96 7.32
N GLY A 15 5.49 6.53 7.93
CA GLY A 15 4.13 6.01 7.76
C GLY A 15 3.66 6.20 6.32
N THR A 16 3.96 7.35 5.74
CA THR A 16 3.54 7.64 4.38
C THR A 16 4.16 6.68 3.38
N VAL A 17 5.45 6.43 3.52
CA VAL A 17 6.13 5.51 2.61
C VAL A 17 5.56 4.10 2.74
N ALA A 18 5.36 3.66 3.97
CA ALA A 18 4.82 2.33 4.22
C ALA A 18 3.42 2.20 3.62
N GLY A 19 2.58 3.20 3.83
CA GLY A 19 1.22 3.16 3.30
C GLY A 19 1.22 3.10 1.78
N ILE A 20 2.11 3.85 1.15
CA ILE A 20 2.20 3.85 -0.31
C ILE A 20 2.61 2.47 -0.80
N VAL A 21 3.59 1.88 -0.14
CA VAL A 21 4.07 0.55 -0.52
C VAL A 21 2.96 -0.48 -0.35
N LEU A 22 2.26 -0.38 0.77
CA LEU A 22 1.18 -1.33 1.06
C LEU A 22 0.08 -1.22 -0.01
N ILE A 23 -0.29 -0.01 -0.37
CA ILE A 23 -1.33 0.19 -1.38
C ILE A 23 -0.88 -0.38 -2.72
N GLY A 24 0.37 -0.12 -3.08
CA GLY A 24 0.90 -0.59 -4.35
C GLY A 24 0.84 -2.12 -4.44
N ILE A 25 1.22 -2.76 -3.36
CA ILE A 25 1.18 -4.25 -3.35
C ILE A 25 -0.27 -4.72 -3.43
N LEU A 26 -1.14 -4.07 -2.66
CA LEU A 26 -2.54 -4.46 -2.65
C LEU A 26 -3.16 -4.24 -4.03
N LEU A 27 -2.81 -3.13 -4.66
CA LEU A 27 -3.34 -2.82 -5.99
C LEU A 27 -2.89 -3.89 -6.98
N LEU A 28 -1.62 -4.28 -6.89
CA LEU A 28 -1.05 -5.28 -7.79
C LEU A 28 -1.76 -6.62 -7.62
N VAL A 29 -2.02 -6.99 -6.37
CA VAL A 29 -2.69 -8.26 -6.10
C VAL A 29 -4.09 -8.28 -6.69
N ILE A 30 -4.83 -7.19 -6.48
CA ILE A 30 -6.19 -7.10 -7.00
C ILE A 30 -6.17 -7.11 -8.53
N TRP A 31 -5.25 -6.37 -9.11
CA TRP A 31 -5.15 -6.34 -10.56
C TRP A 31 -4.90 -7.75 -11.08
N LYS A 32 -3.96 -8.43 -10.45
CA LYS A 32 -3.61 -9.79 -10.85
C LYS A 32 -4.80 -10.74 -10.65
N ALA A 33 -5.51 -10.53 -9.56
CA ALA A 33 -6.67 -11.38 -9.25
C ALA A 33 -7.71 -11.26 -10.36
N LEU A 34 -7.91 -10.05 -10.86
CA LEU A 34 -8.90 -9.83 -11.92
C LEU A 34 -8.52 -10.62 -13.17
N ILE A 35 -7.23 -10.64 -13.49
CA ILE A 35 -6.76 -11.37 -14.67
C ILE A 35 -7.02 -12.86 -14.51
N HIS A 36 -6.75 -13.41 -13.33
CA HIS A 36 -6.97 -14.83 -13.09
C HIS A 36 -8.46 -15.17 -13.13
N LEU A 37 -9.28 -14.28 -12.59
CA LEU A 37 -10.73 -14.50 -12.56
C LEU A 37 -11.30 -14.58 -13.97
N SER A 38 -10.81 -13.71 -14.86
CA SER A 38 -11.26 -13.69 -16.24
C SER A 38 -10.96 -15.02 -16.92
N ASP A 39 -9.81 -15.60 -16.58
CA ASP A 39 -9.43 -16.90 -17.10
C ASP A 39 -10.31 -17.98 -16.48
N LEU A 40 -10.61 -17.83 -15.19
CA LEU A 40 -11.44 -18.79 -14.50
C LEU A 40 -12.84 -18.83 -15.09
N ARG A 41 -13.37 -17.65 -15.40
CA ARG A 41 -14.71 -17.55 -15.98
C ARG A 41 -14.68 -17.93 -17.45
N GLU A 42 -15.74 -18.59 -17.92
CA GLU A 42 -15.82 -19.01 -19.31
C GLU A 42 -17.20 -18.69 -19.88
N TYR A 43 -17.24 -18.37 -21.18
CA TYR A 43 -18.51 -18.05 -21.83
C TYR A 43 -19.24 -16.94 -21.07
N GLY A 1 21.61 24.94 12.32
CA GLY A 1 22.37 24.41 13.49
C GLY A 1 23.17 23.19 13.05
N GLU A 2 24.10 22.76 13.91
CA GLU A 2 24.92 21.60 13.59
C GLU A 2 24.07 20.33 13.55
N SER A 3 23.10 20.24 14.45
CA SER A 3 22.22 19.07 14.50
C SER A 3 20.78 19.50 14.73
N VAL A 4 19.84 18.77 14.12
CA VAL A 4 18.43 19.08 14.27
C VAL A 4 17.63 17.81 14.58
N ALA A 5 16.43 17.98 15.12
CA ALA A 5 15.59 16.85 15.46
C ALA A 5 14.14 17.12 15.08
N GLY A 6 13.42 16.06 14.70
CA GLY A 6 12.02 16.19 14.33
C GLY A 6 11.36 14.82 14.25
N PRO A 7 11.17 14.18 15.37
CA PRO A 7 10.53 12.83 15.44
C PRO A 7 9.18 12.78 14.75
N ASN A 8 8.39 13.85 14.92
CA ASN A 8 7.07 13.91 14.31
C ASN A 8 7.18 13.88 12.79
N ILE A 9 8.15 14.62 12.25
CA ILE A 9 8.37 14.66 10.82
C ILE A 9 8.75 13.29 10.30
N ALA A 10 9.65 12.62 11.02
CA ALA A 10 10.12 11.30 10.63
C ALA A 10 8.97 10.29 10.64
N ALA A 11 8.08 10.41 11.63
CA ALA A 11 6.95 9.49 11.72
C ALA A 11 6.06 9.63 10.50
N ILE A 12 5.81 10.86 10.07
CA ILE A 12 4.96 11.08 8.91
C ILE A 12 5.61 10.50 7.65
N VAL A 13 6.91 10.76 7.49
CA VAL A 13 7.61 10.25 6.33
C VAL A 13 7.57 8.73 6.31
N GLY A 14 7.86 8.13 7.46
CA GLY A 14 7.88 6.67 7.56
C GLY A 14 6.51 6.06 7.31
N GLY A 15 5.47 6.62 7.91
CA GLY A 15 4.12 6.11 7.74
C GLY A 15 3.64 6.28 6.30
N THR A 16 3.94 7.44 5.71
CA THR A 16 3.51 7.71 4.35
C THR A 16 4.15 6.74 3.36
N VAL A 17 5.44 6.49 3.52
CA VAL A 17 6.13 5.57 2.63
C VAL A 17 5.55 4.17 2.74
N ALA A 18 5.35 3.73 3.99
CA ALA A 18 4.81 2.41 4.23
C ALA A 18 3.41 2.26 3.62
N GLY A 19 2.58 3.28 3.81
CA GLY A 19 1.22 3.24 3.28
C GLY A 19 1.22 3.16 1.76
N ILE A 20 2.11 3.92 1.13
CA ILE A 20 2.20 3.91 -0.33
C ILE A 20 2.61 2.53 -0.83
N VAL A 21 3.57 1.93 -0.15
CA VAL A 21 4.05 0.59 -0.51
C VAL A 21 2.93 -0.44 -0.34
N LEU A 22 2.21 -0.33 0.76
CA LEU A 22 1.13 -1.27 1.04
C LEU A 22 0.05 -1.18 -0.03
N ILE A 23 -0.32 0.04 -0.43
CA ILE A 23 -1.35 0.21 -1.46
C ILE A 23 -0.87 -0.36 -2.78
N GLY A 24 0.38 -0.09 -3.14
CA GLY A 24 0.91 -0.58 -4.40
C GLY A 24 0.86 -2.10 -4.46
N ILE A 25 1.23 -2.76 -3.36
CA ILE A 25 1.18 -4.21 -3.31
C ILE A 25 -0.27 -4.67 -3.43
N LEU A 26 -1.17 -3.99 -2.72
CA LEU A 26 -2.58 -4.34 -2.74
C LEU A 26 -3.13 -4.17 -4.15
N LEU A 27 -2.75 -3.08 -4.83
CA LEU A 27 -3.23 -2.83 -6.18
C LEU A 27 -2.77 -3.94 -7.12
N LEU A 28 -1.52 -4.34 -6.98
CA LEU A 28 -0.96 -5.39 -7.82
C LEU A 28 -1.68 -6.73 -7.61
N VAL A 29 -1.95 -7.06 -6.35
CA VAL A 29 -2.62 -8.33 -6.02
C VAL A 29 -4.02 -8.41 -6.61
N ILE A 30 -4.81 -7.35 -6.44
CA ILE A 30 -6.18 -7.36 -6.96
C ILE A 30 -6.16 -7.33 -8.50
N TRP A 31 -5.25 -6.55 -9.06
CA TRP A 31 -5.16 -6.48 -10.51
C TRP A 31 -4.93 -7.88 -11.07
N LYS A 32 -3.99 -8.60 -10.46
CA LYS A 32 -3.66 -9.95 -10.89
C LYS A 32 -4.85 -10.89 -10.71
N ALA A 33 -5.56 -10.69 -9.59
CA ALA A 33 -6.73 -11.51 -9.31
C ALA A 33 -7.79 -11.34 -10.39
N LEU A 34 -8.00 -10.11 -10.85
CA LEU A 34 -9.00 -9.85 -11.89
C LEU A 34 -8.61 -10.59 -13.17
N ILE A 35 -7.32 -10.60 -13.49
CA ILE A 35 -6.84 -11.29 -14.68
C ILE A 35 -7.08 -12.80 -14.53
N HIS A 36 -6.85 -13.32 -13.33
CA HIS A 36 -7.05 -14.75 -13.11
C HIS A 36 -8.53 -15.13 -13.16
N LEU A 37 -9.37 -14.25 -12.66
CA LEU A 37 -10.80 -14.48 -12.62
C LEU A 37 -11.38 -14.65 -14.03
N SER A 38 -10.92 -13.79 -14.94
CA SER A 38 -11.36 -13.83 -16.32
C SER A 38 -11.06 -15.19 -16.95
N ASP A 39 -9.93 -15.76 -16.57
CA ASP A 39 -9.54 -17.08 -17.06
C ASP A 39 -10.41 -18.15 -16.40
N LEU A 40 -10.69 -17.97 -15.12
CA LEU A 40 -11.52 -18.92 -14.39
C LEU A 40 -12.91 -19.00 -14.99
N ARG A 41 -13.47 -17.84 -15.33
CA ARG A 41 -14.80 -17.78 -15.91
C ARG A 41 -14.83 -18.56 -17.23
N GLU A 42 -13.81 -18.36 -18.05
CA GLU A 42 -13.73 -19.05 -19.34
C GLU A 42 -13.54 -20.55 -19.14
N TYR A 43 -14.25 -21.34 -19.93
CA TYR A 43 -14.16 -22.80 -19.83
C TYR A 43 -12.78 -23.26 -20.28
N GLY A 1 20.58 9.05 31.84
CA GLY A 1 20.56 9.86 30.59
C GLY A 1 19.29 9.57 29.81
N GLU A 2 18.15 9.63 30.51
CA GLU A 2 16.86 9.38 29.86
C GLU A 2 16.57 10.44 28.81
N SER A 3 16.04 10.01 27.67
CA SER A 3 15.72 10.93 26.59
C SER A 3 14.60 10.38 25.72
N VAL A 4 13.98 11.26 24.94
CA VAL A 4 12.88 10.85 24.06
C VAL A 4 13.20 11.20 22.60
N ALA A 5 13.00 10.24 21.71
CA ALA A 5 13.27 10.46 20.29
C ALA A 5 12.09 10.00 19.44
N GLY A 6 11.84 10.71 18.34
CA GLY A 6 10.75 10.37 17.46
C GLY A 6 10.09 11.63 16.90
N PRO A 7 10.74 12.29 15.98
CA PRO A 7 10.23 13.54 15.35
C PRO A 7 8.91 13.31 14.61
N ASN A 8 8.04 14.31 14.65
CA ASN A 8 6.75 14.21 13.99
C ASN A 8 6.93 14.06 12.47
N ILE A 9 7.89 14.80 11.91
CA ILE A 9 8.15 14.73 10.49
C ILE A 9 8.63 13.34 10.10
N ALA A 10 9.53 12.78 10.90
CA ALA A 10 10.06 11.45 10.61
C ALA A 10 8.96 10.40 10.66
N ALA A 11 8.04 10.56 11.60
CA ALA A 11 6.93 9.60 11.74
C ALA A 11 6.07 9.67 10.48
N ILE A 12 5.82 10.88 9.99
CA ILE A 12 5.00 11.05 8.80
C ILE A 12 5.67 10.42 7.57
N VAL A 13 6.97 10.67 7.44
CA VAL A 13 7.70 10.12 6.30
C VAL A 13 7.64 8.61 6.33
N GLY A 14 7.91 8.02 7.49
CA GLY A 14 7.92 6.57 7.63
C GLY A 14 6.54 5.96 7.37
N GLY A 15 5.51 6.53 8.00
CA GLY A 15 4.16 6.03 7.81
C GLY A 15 3.66 6.22 6.38
N THR A 16 3.98 7.39 5.82
CA THR A 16 3.55 7.72 4.46
C THR A 16 4.15 6.76 3.44
N VAL A 17 5.45 6.49 3.56
CA VAL A 17 6.12 5.58 2.64
C VAL A 17 5.53 4.18 2.75
N ALA A 18 5.36 3.73 3.99
CA ALA A 18 4.82 2.39 4.22
C ALA A 18 3.41 2.27 3.63
N GLY A 19 2.58 3.28 3.85
CA GLY A 19 1.21 3.26 3.33
C GLY A 19 1.19 3.20 1.80
N ILE A 20 2.08 3.97 1.17
CA ILE A 20 2.17 3.97 -0.28
C ILE A 20 2.57 2.58 -0.78
N VAL A 21 3.55 1.97 -0.09
CA VAL A 21 4.00 0.63 -0.45
C VAL A 21 2.88 -0.39 -0.28
N LEU A 22 2.15 -0.26 0.83
CA LEU A 22 1.05 -1.20 1.10
C LEU A 22 0.00 -1.10 0.00
N ILE A 23 -0.34 0.11 -0.41
CA ILE A 23 -1.34 0.30 -1.45
C ILE A 23 -0.86 -0.29 -2.77
N GLY A 24 0.41 -0.04 -3.11
CA GLY A 24 0.96 -0.54 -4.37
C GLY A 24 0.92 -2.06 -4.47
N ILE A 25 1.35 -2.75 -3.43
CA ILE A 25 1.34 -4.21 -3.45
C ILE A 25 -0.10 -4.71 -3.44
N LEU A 26 -0.95 -4.06 -2.64
CA LEU A 26 -2.35 -4.47 -2.56
C LEU A 26 -3.02 -4.34 -3.92
N LEU A 27 -2.73 -3.24 -4.62
CA LEU A 27 -3.30 -2.99 -5.92
C LEU A 27 -2.87 -4.07 -6.93
N LEU A 28 -1.58 -4.44 -6.86
CA LEU A 28 -1.04 -5.43 -7.79
C LEU A 28 -1.72 -6.79 -7.66
N VAL A 29 -1.94 -7.24 -6.43
CA VAL A 29 -2.59 -8.55 -6.24
C VAL A 29 -4.03 -8.53 -6.76
N ILE A 30 -4.75 -7.44 -6.49
CA ILE A 30 -6.12 -7.33 -6.98
C ILE A 30 -6.15 -7.31 -8.50
N TRP A 31 -5.23 -6.54 -9.08
CA TRP A 31 -5.16 -6.48 -10.54
C TRP A 31 -4.92 -7.88 -11.09
N LYS A 32 -3.96 -8.57 -10.49
CA LYS A 32 -3.61 -9.92 -10.91
C LYS A 32 -4.80 -10.87 -10.74
N ALA A 33 -5.52 -10.67 -9.64
CA ALA A 33 -6.69 -11.51 -9.35
C ALA A 33 -7.74 -11.35 -10.45
N LEU A 34 -7.92 -10.12 -10.93
CA LEU A 34 -8.91 -9.87 -11.97
C LEU A 34 -8.54 -10.62 -13.24
N ILE A 35 -7.26 -10.66 -13.56
CA ILE A 35 -6.80 -11.37 -14.74
C ILE A 35 -7.10 -12.86 -14.61
N HIS A 36 -6.85 -13.42 -13.43
CA HIS A 36 -7.13 -14.84 -13.20
C HIS A 36 -8.63 -15.10 -13.23
N LEU A 37 -9.39 -14.18 -12.61
CA LEU A 37 -10.84 -14.32 -12.53
C LEU A 37 -11.46 -14.31 -13.92
N SER A 38 -10.97 -13.41 -14.78
CA SER A 38 -11.46 -13.30 -16.15
C SER A 38 -11.17 -14.57 -16.93
N ASP A 39 -10.06 -15.23 -16.61
CA ASP A 39 -9.68 -16.46 -17.28
C ASP A 39 -10.27 -17.68 -16.57
N LEU A 40 -10.94 -17.45 -15.45
CA LEU A 40 -11.56 -18.55 -14.71
C LEU A 40 -12.62 -19.24 -15.56
N ARG A 41 -13.42 -18.45 -16.26
CA ARG A 41 -14.47 -18.99 -17.10
C ARG A 41 -13.88 -19.57 -18.38
N GLU A 42 -14.48 -20.66 -18.86
CA GLU A 42 -14.00 -21.31 -20.09
C GLU A 42 -14.18 -20.39 -21.28
N TYR A 43 -13.16 -20.35 -22.15
CA TYR A 43 -13.22 -19.50 -23.34
C TYR A 43 -13.70 -20.30 -24.54
N GLY A 1 9.26 29.06 21.15
CA GLY A 1 9.96 28.71 19.89
C GLY A 1 9.90 27.20 19.68
N GLU A 2 10.16 26.77 18.45
CA GLU A 2 10.14 25.35 18.13
C GLU A 2 11.25 24.61 18.87
N SER A 3 10.93 23.42 19.38
CA SER A 3 11.90 22.62 20.11
C SER A 3 12.90 21.98 19.14
N VAL A 4 14.04 21.55 19.68
CA VAL A 4 15.05 20.91 18.86
C VAL A 4 14.54 19.60 18.28
N ALA A 5 13.84 18.83 19.11
CA ALA A 5 13.29 17.55 18.67
C ALA A 5 12.19 17.77 17.63
N GLY A 6 12.14 16.87 16.65
CA GLY A 6 11.14 16.97 15.60
C GLY A 6 10.76 15.59 15.07
N PRO A 7 10.33 14.71 15.93
CA PRO A 7 9.94 13.32 15.55
C PRO A 7 8.66 13.28 14.70
N ASN A 8 7.89 14.37 14.74
CA ASN A 8 6.63 14.42 14.00
C ASN A 8 6.83 14.30 12.49
N ILE A 9 7.83 14.98 11.94
CA ILE A 9 8.07 14.91 10.50
C ILE A 9 8.57 13.52 10.11
N ALA A 10 9.47 12.96 10.91
CA ALA A 10 10.01 11.63 10.61
C ALA A 10 8.90 10.58 10.64
N ALA A 11 7.98 10.73 11.58
CA ALA A 11 6.87 9.78 11.70
C ALA A 11 6.02 9.81 10.44
N ILE A 12 5.76 11.02 9.93
CA ILE A 12 4.95 11.16 8.73
C ILE A 12 5.65 10.53 7.52
N VAL A 13 6.94 10.80 7.40
CA VAL A 13 7.69 10.24 6.28
C VAL A 13 7.66 8.72 6.33
N GLY A 14 7.93 8.16 7.50
CA GLY A 14 7.95 6.72 7.66
C GLY A 14 6.59 6.08 7.40
N GLY A 15 5.55 6.63 8.02
CA GLY A 15 4.20 6.10 7.83
C GLY A 15 3.72 6.27 6.40
N THR A 16 4.01 7.44 5.82
CA THR A 16 3.58 7.72 4.45
C THR A 16 4.22 6.76 3.46
N VAL A 17 5.52 6.53 3.59
CA VAL A 17 6.21 5.62 2.69
C VAL A 17 5.64 4.21 2.81
N ALA A 18 5.46 3.76 4.05
CA ALA A 18 4.94 2.43 4.29
C ALA A 18 3.55 2.25 3.67
N GLY A 19 2.70 3.25 3.85
CA GLY A 19 1.34 3.17 3.29
C GLY A 19 1.36 3.05 1.76
N ILE A 20 2.28 3.78 1.14
CA ILE A 20 2.42 3.74 -0.31
C ILE A 20 2.84 2.32 -0.75
N VAL A 21 3.77 1.72 -0.04
CA VAL A 21 4.22 0.38 -0.42
C VAL A 21 3.10 -0.66 -0.24
N LEU A 22 2.42 -0.60 0.91
CA LEU A 22 1.36 -1.58 1.17
C LEU A 22 0.21 -1.45 0.16
N ILE A 23 -0.20 -0.23 -0.16
CA ILE A 23 -1.31 -0.07 -1.10
C ILE A 23 -0.90 -0.54 -2.49
N GLY A 24 0.33 -0.23 -2.89
CA GLY A 24 0.79 -0.63 -4.22
C GLY A 24 0.73 -2.15 -4.37
N ILE A 25 1.15 -2.86 -3.32
CA ILE A 25 1.11 -4.33 -3.35
C ILE A 25 -0.33 -4.81 -3.45
N LEU A 26 -1.21 -4.19 -2.67
CA LEU A 26 -2.61 -4.57 -2.68
C LEU A 26 -3.24 -4.33 -4.05
N LEU A 27 -2.90 -3.21 -4.68
CA LEU A 27 -3.44 -2.90 -6.00
C LEU A 27 -2.99 -3.95 -7.01
N LEU A 28 -1.71 -4.32 -6.93
CA LEU A 28 -1.16 -5.31 -7.84
C LEU A 28 -1.84 -6.67 -7.66
N VAL A 29 -2.08 -7.04 -6.42
CA VAL A 29 -2.73 -8.33 -6.14
C VAL A 29 -4.13 -8.36 -6.72
N ILE A 30 -4.88 -7.28 -6.51
CA ILE A 30 -6.24 -7.21 -7.02
C ILE A 30 -6.23 -7.22 -8.55
N TRP A 31 -5.31 -6.45 -9.13
CA TRP A 31 -5.22 -6.42 -10.59
C TRP A 31 -4.98 -7.83 -11.12
N LYS A 32 -4.03 -8.52 -10.50
CA LYS A 32 -3.69 -9.88 -10.89
C LYS A 32 -4.88 -10.82 -10.72
N ALA A 33 -5.60 -10.63 -9.63
CA ALA A 33 -6.76 -11.48 -9.34
C ALA A 33 -7.80 -11.33 -10.44
N LEU A 34 -8.00 -10.10 -10.91
CA LEU A 34 -8.97 -9.84 -11.96
C LEU A 34 -8.60 -10.58 -13.24
N ILE A 35 -7.31 -10.58 -13.56
CA ILE A 35 -6.83 -11.26 -14.76
C ILE A 35 -7.08 -12.77 -14.68
N HIS A 36 -6.80 -13.36 -13.52
CA HIS A 36 -7.02 -14.79 -13.32
C HIS A 36 -8.52 -15.12 -13.37
N LEU A 37 -9.34 -14.24 -12.83
CA LEU A 37 -10.77 -14.47 -12.80
C LEU A 37 -11.34 -14.58 -14.21
N SER A 38 -10.86 -13.72 -15.10
CA SER A 38 -11.28 -13.71 -16.49
C SER A 38 -10.99 -15.05 -17.16
N ASP A 39 -9.89 -15.68 -16.77
CA ASP A 39 -9.51 -16.97 -17.33
C ASP A 39 -10.17 -18.11 -16.56
N LEU A 40 -10.83 -17.77 -15.45
CA LEU A 40 -11.52 -18.77 -14.64
C LEU A 40 -13.02 -18.53 -14.67
N ARG A 41 -13.78 -19.59 -14.96
CA ARG A 41 -15.23 -19.48 -15.02
C ARG A 41 -15.85 -19.70 -13.64
N GLU A 42 -16.88 -18.93 -13.32
CA GLU A 42 -17.55 -19.05 -12.03
C GLU A 42 -18.24 -20.40 -11.93
N TYR A 43 -18.83 -20.85 -13.02
CA TYR A 43 -19.53 -22.14 -13.04
C TYR A 43 -20.39 -22.29 -11.78
N GLY A 1 8.67 -1.83 26.95
CA GLY A 1 9.64 -0.70 26.93
C GLY A 1 9.02 0.49 26.21
N GLU A 2 8.42 1.39 26.98
CA GLU A 2 7.78 2.57 26.40
C GLU A 2 8.84 3.47 25.74
N SER A 3 8.50 4.00 24.57
CA SER A 3 9.41 4.86 23.84
C SER A 3 8.71 6.15 23.41
N VAL A 4 9.47 7.22 23.27
CA VAL A 4 8.91 8.51 22.86
C VAL A 4 9.76 9.15 21.76
N ALA A 5 9.17 10.09 21.04
CA ALA A 5 9.89 10.77 19.97
C ALA A 5 9.58 12.27 19.99
N GLY A 6 10.57 13.07 19.61
CA GLY A 6 10.41 14.51 19.60
C GLY A 6 9.77 14.98 18.29
N PRO A 7 10.53 15.04 17.24
CA PRO A 7 10.04 15.48 15.90
C PRO A 7 8.98 14.55 15.34
N ASN A 8 7.98 15.12 14.67
CA ASN A 8 6.90 14.31 14.09
C ASN A 8 7.07 14.17 12.58
N ILE A 9 8.07 14.84 12.02
CA ILE A 9 8.30 14.76 10.58
C ILE A 9 8.74 13.36 10.16
N ALA A 10 9.63 12.76 10.95
CA ALA A 10 10.12 11.41 10.64
C ALA A 10 8.98 10.41 10.68
N ALA A 11 8.07 10.58 11.64
CA ALA A 11 6.93 9.67 11.77
C ALA A 11 6.07 9.73 10.51
N ILE A 12 5.81 10.94 10.02
CA ILE A 12 4.99 11.11 8.82
C ILE A 12 5.66 10.48 7.61
N VAL A 13 6.96 10.72 7.47
CA VAL A 13 7.69 10.17 6.34
C VAL A 13 7.64 8.64 6.39
N GLY A 14 7.92 8.09 7.57
CA GLY A 14 7.93 6.64 7.72
C GLY A 14 6.57 6.02 7.47
N GLY A 15 5.52 6.60 8.07
CA GLY A 15 4.17 6.08 7.89
C GLY A 15 3.69 6.24 6.46
N THR A 16 4.00 7.39 5.86
CA THR A 16 3.59 7.66 4.49
C THR A 16 4.21 6.67 3.51
N VAL A 17 5.51 6.43 3.65
CA VAL A 17 6.19 5.50 2.75
C VAL A 17 5.60 4.10 2.89
N ALA A 18 5.40 3.67 4.14
CA ALA A 18 4.86 2.34 4.40
C ALA A 18 3.47 2.19 3.78
N GLY A 19 2.63 3.21 3.95
CA GLY A 19 1.27 3.17 3.40
C GLY A 19 1.28 3.13 1.87
N ILE A 20 2.18 3.91 1.25
CA ILE A 20 2.25 3.96 -0.22
C ILE A 20 2.62 2.60 -0.82
N VAL A 21 3.61 1.91 -0.25
CA VAL A 21 4.02 0.61 -0.77
C VAL A 21 2.92 -0.44 -0.54
N LEU A 22 2.24 -0.33 0.60
CA LEU A 22 1.17 -1.27 0.92
C LEU A 22 0.07 -1.18 -0.13
N ILE A 23 -0.31 0.04 -0.50
CA ILE A 23 -1.36 0.25 -1.49
C ILE A 23 -0.93 -0.32 -2.84
N GLY A 24 0.32 -0.06 -3.22
CA GLY A 24 0.82 -0.54 -4.51
C GLY A 24 0.75 -2.07 -4.56
N ILE A 25 1.15 -2.71 -3.47
CA ILE A 25 1.11 -4.18 -3.42
C ILE A 25 -0.35 -4.64 -3.51
N LEU A 26 -1.23 -3.97 -2.79
CA LEU A 26 -2.64 -4.34 -2.79
C LEU A 26 -3.23 -4.18 -4.18
N LEU A 27 -2.88 -3.10 -4.86
CA LEU A 27 -3.38 -2.84 -6.20
C LEU A 27 -2.92 -3.94 -7.16
N LEU A 28 -1.65 -4.32 -7.05
CA LEU A 28 -1.09 -5.35 -7.92
C LEU A 28 -1.78 -6.68 -7.70
N VAL A 29 -2.05 -7.03 -6.44
CA VAL A 29 -2.70 -8.29 -6.12
C VAL A 29 -4.11 -8.33 -6.72
N ILE A 30 -4.85 -7.24 -6.53
CA ILE A 30 -6.21 -7.16 -7.07
C ILE A 30 -6.19 -7.21 -8.59
N TRP A 31 -5.25 -6.47 -9.18
CA TRP A 31 -5.14 -6.46 -10.64
C TRP A 31 -4.91 -7.90 -11.12
N LYS A 32 -3.98 -8.58 -10.48
CA LYS A 32 -3.65 -9.96 -10.85
C LYS A 32 -4.85 -10.88 -10.65
N ALA A 33 -5.58 -10.65 -9.56
CA ALA A 33 -6.74 -11.47 -9.26
C ALA A 33 -7.79 -11.34 -10.36
N LEU A 34 -7.97 -10.12 -10.86
CA LEU A 34 -8.95 -9.88 -11.92
C LEU A 34 -8.57 -10.65 -13.17
N ILE A 35 -7.28 -10.67 -13.50
CA ILE A 35 -6.80 -11.38 -14.69
C ILE A 35 -7.04 -12.88 -14.55
N HIS A 36 -6.76 -13.42 -13.37
CA HIS A 36 -6.96 -14.84 -13.12
C HIS A 36 -8.44 -15.22 -13.12
N LEU A 37 -9.27 -14.32 -12.61
CA LEU A 37 -10.70 -14.58 -12.53
C LEU A 37 -11.30 -14.75 -13.94
N SER A 38 -10.86 -13.91 -14.86
CA SER A 38 -11.32 -13.95 -16.24
C SER A 38 -11.03 -15.32 -16.86
N ASP A 39 -9.90 -15.90 -16.48
CA ASP A 39 -9.51 -17.22 -16.96
C ASP A 39 -10.38 -18.29 -16.30
N LEU A 40 -10.65 -18.11 -15.02
CA LEU A 40 -11.47 -19.07 -14.28
C LEU A 40 -12.88 -19.12 -14.86
N ARG A 41 -13.42 -17.95 -15.19
CA ARG A 41 -14.76 -17.88 -15.76
C ARG A 41 -14.80 -18.58 -17.11
N GLU A 42 -13.75 -18.38 -17.91
CA GLU A 42 -13.68 -19.01 -19.22
C GLU A 42 -13.51 -20.51 -19.09
N TYR A 43 -14.22 -21.26 -19.92
CA TYR A 43 -14.14 -22.72 -19.88
C TYR A 43 -12.72 -23.19 -20.21
N GLY A 1 -4.86 20.02 25.42
CA GLY A 1 -4.61 20.32 23.98
C GLY A 1 -3.99 19.10 23.31
N GLU A 2 -3.85 19.16 22.00
CA GLU A 2 -3.27 18.04 21.25
C GLU A 2 -1.81 17.85 21.63
N SER A 3 -1.41 16.59 21.78
CA SER A 3 -0.03 16.28 22.14
C SER A 3 0.90 16.47 20.95
N VAL A 4 2.19 16.62 21.22
CA VAL A 4 3.18 16.81 20.16
C VAL A 4 4.38 15.90 20.38
N ALA A 5 5.15 15.68 19.32
CA ALA A 5 6.33 14.82 19.39
C ALA A 5 7.50 15.46 18.65
N GLY A 6 8.71 15.21 19.14
CA GLY A 6 9.90 15.77 18.51
C GLY A 6 10.05 15.28 17.07
N PRO A 7 10.12 13.99 16.88
CA PRO A 7 10.27 13.37 15.54
C PRO A 7 8.93 13.25 14.79
N ASN A 8 8.14 14.31 14.83
CA ASN A 8 6.84 14.31 14.15
C ASN A 8 7.04 14.14 12.64
N ILE A 9 8.04 14.82 12.10
CA ILE A 9 8.32 14.74 10.67
C ILE A 9 8.77 13.33 10.28
N ALA A 10 9.65 12.74 11.11
CA ALA A 10 10.15 11.40 10.84
C ALA A 10 9.01 10.38 10.81
N ALA A 11 8.06 10.55 11.71
CA ALA A 11 6.93 9.63 11.78
C ALA A 11 6.07 9.70 10.51
N ILE A 12 5.82 10.92 10.02
CA ILE A 12 4.99 11.09 8.83
C ILE A 12 5.63 10.49 7.58
N VAL A 13 6.92 10.74 7.39
CA VAL A 13 7.58 10.20 6.21
C VAL A 13 7.56 8.67 6.25
N GLY A 14 7.85 8.11 7.41
CA GLY A 14 7.88 6.65 7.57
C GLY A 14 6.51 6.03 7.31
N GLY A 15 5.47 6.58 7.94
CA GLY A 15 4.13 6.05 7.77
C GLY A 15 3.63 6.25 6.33
N THR A 16 3.92 7.41 5.77
CA THR A 16 3.49 7.72 4.41
C THR A 16 4.11 6.77 3.40
N VAL A 17 5.41 6.53 3.52
CA VAL A 17 6.09 5.63 2.60
C VAL A 17 5.52 4.22 2.71
N ALA A 18 5.35 3.76 3.93
CA ALA A 18 4.83 2.42 4.16
C ALA A 18 3.43 2.27 3.57
N GLY A 19 2.58 3.27 3.76
CA GLY A 19 1.22 3.22 3.22
C GLY A 19 1.22 3.12 1.71
N ILE A 20 2.10 3.87 1.06
CA ILE A 20 2.20 3.85 -0.40
C ILE A 20 2.62 2.46 -0.88
N VAL A 21 3.60 1.88 -0.20
CA VAL A 21 4.09 0.55 -0.56
C VAL A 21 2.98 -0.49 -0.38
N LEU A 22 2.27 -0.40 0.74
CA LEU A 22 1.20 -1.35 1.01
C LEU A 22 0.09 -1.25 -0.04
N ILE A 23 -0.30 -0.03 -0.39
CA ILE A 23 -1.34 0.16 -1.40
C ILE A 23 -0.90 -0.40 -2.75
N GLY A 24 0.35 -0.12 -3.12
CA GLY A 24 0.86 -0.60 -4.40
C GLY A 24 0.80 -2.13 -4.45
N ILE A 25 1.21 -2.79 -3.36
CA ILE A 25 1.16 -4.25 -3.32
C ILE A 25 -0.28 -4.73 -3.42
N LEU A 26 -1.17 -4.08 -2.65
CA LEU A 26 -2.57 -4.47 -2.65
C LEU A 26 -3.17 -4.30 -4.06
N LEU A 27 -2.83 -3.20 -4.71
CA LEU A 27 -3.34 -2.94 -6.06
C LEU A 27 -2.88 -4.01 -7.04
N LEU A 28 -1.60 -4.38 -6.92
CA LEU A 28 -1.02 -5.39 -7.80
C LEU A 28 -1.73 -6.73 -7.62
N VAL A 29 -1.99 -7.09 -6.37
CA VAL A 29 -2.65 -8.37 -6.07
C VAL A 29 -4.06 -8.39 -6.67
N ILE A 30 -4.79 -7.31 -6.47
CA ILE A 30 -6.16 -7.21 -6.99
C ILE A 30 -6.14 -7.23 -8.51
N TRP A 31 -5.21 -6.48 -9.09
CA TRP A 31 -5.12 -6.44 -10.55
C TRP A 31 -4.88 -7.85 -11.07
N LYS A 32 -3.94 -8.55 -10.45
CA LYS A 32 -3.60 -9.90 -10.87
C LYS A 32 -4.80 -10.83 -10.67
N ALA A 33 -5.52 -10.62 -9.58
CA ALA A 33 -6.69 -11.45 -9.27
C ALA A 33 -7.73 -11.29 -10.37
N LEU A 34 -7.94 -10.07 -10.84
CA LEU A 34 -8.93 -9.82 -11.89
C LEU A 34 -8.56 -10.58 -13.16
N ILE A 35 -7.28 -10.61 -13.48
CA ILE A 35 -6.81 -11.32 -14.66
C ILE A 35 -7.08 -12.81 -14.53
N HIS A 36 -6.81 -13.37 -13.35
CA HIS A 36 -7.04 -14.79 -13.11
C HIS A 36 -8.52 -15.12 -13.19
N LEU A 37 -9.35 -14.22 -12.64
CA LEU A 37 -10.80 -14.44 -12.66
C LEU A 37 -11.35 -14.50 -14.07
N SER A 38 -10.85 -13.62 -14.93
CA SER A 38 -11.27 -13.56 -16.33
C SER A 38 -10.97 -14.89 -17.04
N ASP A 39 -9.85 -15.50 -16.66
CA ASP A 39 -9.45 -16.78 -17.26
C ASP A 39 -10.08 -17.93 -16.50
N LEU A 40 -10.46 -17.69 -15.25
CA LEU A 40 -11.08 -18.71 -14.43
C LEU A 40 -12.40 -19.16 -15.05
N ARG A 41 -13.18 -18.20 -15.53
CA ARG A 41 -14.46 -18.49 -16.14
C ARG A 41 -14.27 -19.23 -17.46
N GLU A 42 -15.04 -20.30 -17.67
CA GLU A 42 -14.94 -21.10 -18.89
C GLU A 42 -16.28 -21.10 -19.62
N TYR A 43 -16.24 -20.89 -20.93
CA TYR A 43 -17.45 -20.88 -21.74
C TYR A 43 -17.83 -22.30 -22.14
N GLY A 1 11.91 22.95 26.60
CA GLY A 1 10.55 22.54 26.14
C GLY A 1 10.68 21.39 25.16
N GLU A 2 11.61 20.48 25.43
CA GLU A 2 11.82 19.34 24.55
C GLU A 2 10.61 18.40 24.60
N SER A 3 10.07 18.18 25.79
CA SER A 3 8.92 17.30 25.96
C SER A 3 7.70 17.81 25.20
N VAL A 4 7.42 19.10 25.30
CA VAL A 4 6.28 19.68 24.62
C VAL A 4 6.47 19.62 23.10
N ALA A 5 7.69 19.91 22.65
CA ALA A 5 7.98 19.89 21.22
C ALA A 5 7.92 18.46 20.69
N GLY A 6 7.43 18.31 19.46
CA GLY A 6 7.32 16.99 18.85
C GLY A 6 6.84 17.09 17.41
N PRO A 7 7.68 17.60 16.54
CA PRO A 7 7.36 17.75 15.09
C PRO A 7 6.88 16.43 14.47
N ASN A 8 7.50 15.33 14.89
CA ASN A 8 7.14 14.02 14.37
C ASN A 8 7.26 13.96 12.86
N ILE A 9 8.25 14.69 12.32
CA ILE A 9 8.46 14.71 10.88
C ILE A 9 8.85 13.32 10.39
N ALA A 10 9.73 12.66 11.13
CA ALA A 10 10.19 11.34 10.75
C ALA A 10 9.02 10.35 10.78
N ALA A 11 8.14 10.50 11.75
CA ALA A 11 6.98 9.60 11.85
C ALA A 11 6.11 9.72 10.61
N ILE A 12 5.89 10.95 10.15
CA ILE A 12 5.06 11.17 8.96
C ILE A 12 5.72 10.58 7.71
N VAL A 13 7.01 10.82 7.55
CA VAL A 13 7.69 10.28 6.37
C VAL A 13 7.67 8.76 6.41
N GLY A 14 8.00 8.20 7.58
CA GLY A 14 8.03 6.74 7.71
C GLY A 14 6.66 6.11 7.47
N GLY A 15 5.62 6.71 8.03
CA GLY A 15 4.27 6.20 7.85
C GLY A 15 3.79 6.35 6.41
N THR A 16 4.10 7.50 5.81
CA THR A 16 3.67 7.78 4.44
C THR A 16 4.26 6.81 3.43
N VAL A 17 5.56 6.55 3.50
CA VAL A 17 6.18 5.63 2.55
C VAL A 17 5.61 4.23 2.72
N ALA A 18 5.42 3.82 3.96
CA ALA A 18 4.89 2.50 4.23
C ALA A 18 3.50 2.34 3.62
N GLY A 19 2.66 3.37 3.81
CA GLY A 19 1.30 3.33 3.27
C GLY A 19 1.31 3.25 1.74
N ILE A 20 2.24 3.97 1.12
CA ILE A 20 2.35 3.96 -0.34
C ILE A 20 2.69 2.56 -0.84
N VAL A 21 3.64 1.91 -0.16
CA VAL A 21 4.04 0.56 -0.55
C VAL A 21 2.90 -0.44 -0.38
N LEU A 22 2.19 -0.34 0.74
CA LEU A 22 1.09 -1.27 1.02
C LEU A 22 -0.01 -1.19 -0.03
N ILE A 23 -0.40 0.02 -0.43
CA ILE A 23 -1.46 0.16 -1.43
C ILE A 23 -1.01 -0.38 -2.79
N GLY A 24 0.23 -0.08 -3.17
CA GLY A 24 0.73 -0.56 -4.45
C GLY A 24 0.68 -2.08 -4.52
N ILE A 25 1.06 -2.73 -3.43
CA ILE A 25 1.02 -4.20 -3.37
C ILE A 25 -0.43 -4.67 -3.48
N LEU A 26 -1.32 -3.99 -2.76
CA LEU A 26 -2.73 -4.36 -2.77
C LEU A 26 -3.32 -4.22 -4.18
N LEU A 27 -2.96 -3.14 -4.87
CA LEU A 27 -3.47 -2.91 -6.22
C LEU A 27 -3.00 -4.02 -7.16
N LEU A 28 -1.74 -4.40 -7.03
CA LEU A 28 -1.16 -5.44 -7.87
C LEU A 28 -1.87 -6.78 -7.66
N VAL A 29 -2.16 -7.10 -6.40
CA VAL A 29 -2.84 -8.35 -6.09
C VAL A 29 -4.23 -8.38 -6.72
N ILE A 30 -4.96 -7.28 -6.57
CA ILE A 30 -6.30 -7.18 -7.13
C ILE A 30 -6.24 -7.26 -8.66
N TRP A 31 -5.28 -6.55 -9.23
CA TRP A 31 -5.13 -6.58 -10.68
C TRP A 31 -4.90 -8.03 -11.11
N LYS A 32 -4.00 -8.71 -10.42
CA LYS A 32 -3.69 -10.10 -10.72
C LYS A 32 -4.92 -10.97 -10.50
N ALA A 33 -5.67 -10.65 -9.46
CA ALA A 33 -6.87 -11.41 -9.15
C ALA A 33 -7.86 -11.33 -10.32
N LEU A 34 -8.05 -10.13 -10.86
CA LEU A 34 -8.99 -9.93 -11.96
C LEU A 34 -8.57 -10.68 -13.23
N ILE A 35 -7.27 -10.67 -13.54
CA ILE A 35 -6.79 -11.32 -14.76
C ILE A 35 -7.00 -12.84 -14.72
N HIS A 36 -6.70 -13.46 -13.60
CA HIS A 36 -6.85 -14.91 -13.48
C HIS A 36 -8.32 -15.31 -13.40
N LEU A 37 -9.14 -14.46 -12.79
CA LEU A 37 -10.56 -14.76 -12.65
C LEU A 37 -11.21 -14.88 -14.02
N SER A 38 -10.80 -14.01 -14.93
CA SER A 38 -11.32 -13.99 -16.29
C SER A 38 -11.13 -15.36 -16.95
N ASP A 39 -10.06 -16.06 -16.61
CA ASP A 39 -9.84 -17.40 -17.17
C ASP A 39 -10.89 -18.35 -16.59
N LEU A 40 -11.16 -18.23 -15.29
CA LEU A 40 -12.16 -19.09 -14.67
C LEU A 40 -13.53 -18.80 -15.27
N ARG A 41 -13.83 -17.52 -15.49
CA ARG A 41 -15.11 -17.14 -16.07
C ARG A 41 -15.16 -17.46 -17.56
N GLU A 42 -16.33 -17.86 -18.04
CA GLU A 42 -16.50 -18.19 -19.45
C GLU A 42 -17.47 -17.22 -20.12
N TYR A 43 -17.03 -16.61 -21.21
CA TYR A 43 -17.86 -15.66 -21.93
C TYR A 43 -18.53 -14.69 -20.96
N GLY A 1 5.85 5.35 14.34
CA GLY A 1 7.21 5.55 13.78
C GLY A 1 8.12 4.39 14.19
N GLU A 2 7.50 3.27 14.54
CA GLU A 2 8.24 2.09 14.94
C GLU A 2 9.19 2.42 16.10
N SER A 3 8.80 3.39 16.92
CA SER A 3 9.61 3.79 18.06
C SER A 3 8.75 4.41 19.15
N VAL A 4 9.29 4.49 20.36
CA VAL A 4 8.55 5.05 21.47
C VAL A 4 8.24 6.52 21.23
N ALA A 5 9.24 7.26 20.77
CA ALA A 5 9.07 8.69 20.49
C ALA A 5 10.11 9.18 19.49
N GLY A 6 9.76 10.24 18.76
CA GLY A 6 10.67 10.80 17.77
C GLY A 6 10.06 12.04 17.12
N PRO A 7 10.73 12.60 16.16
CA PRO A 7 10.24 13.83 15.45
C PRO A 7 8.91 13.58 14.74
N ASN A 8 8.05 14.59 14.73
CA ASN A 8 6.76 14.47 14.08
C ASN A 8 6.93 14.27 12.57
N ILE A 9 7.88 15.00 11.99
CA ILE A 9 8.14 14.90 10.57
C ILE A 9 8.62 13.50 10.20
N ALA A 10 9.52 12.95 11.02
CA ALA A 10 10.05 11.62 10.76
C ALA A 10 8.93 10.58 10.83
N ALA A 11 8.03 10.75 11.78
CA ALA A 11 6.93 9.80 11.91
C ALA A 11 6.07 9.83 10.66
N ILE A 12 5.81 11.04 10.14
CA ILE A 12 5.00 11.18 8.94
C ILE A 12 5.69 10.54 7.75
N VAL A 13 6.98 10.80 7.61
CA VAL A 13 7.72 10.24 6.48
C VAL A 13 7.68 8.72 6.53
N GLY A 14 7.94 8.15 7.71
CA GLY A 14 7.97 6.71 7.87
C GLY A 14 6.61 6.08 7.58
N GLY A 15 5.57 6.67 8.15
CA GLY A 15 4.23 6.14 7.95
C GLY A 15 3.78 6.31 6.49
N THR A 16 4.09 7.46 5.90
CA THR A 16 3.69 7.74 4.52
C THR A 16 4.30 6.75 3.52
N VAL A 17 5.61 6.50 3.64
CA VAL A 17 6.24 5.57 2.71
C VAL A 17 5.67 4.15 2.89
N ALA A 18 5.48 3.75 4.14
CA ALA A 18 4.96 2.42 4.43
C ALA A 18 3.55 2.24 3.84
N GLY A 19 2.70 3.24 3.97
CA GLY A 19 1.35 3.13 3.41
C GLY A 19 1.37 3.04 1.88
N ILE A 20 2.28 3.79 1.24
CA ILE A 20 2.35 3.80 -0.22
C ILE A 20 2.72 2.44 -0.82
N VAL A 21 3.72 1.75 -0.26
CA VAL A 21 4.12 0.45 -0.81
C VAL A 21 3.04 -0.60 -0.58
N LEU A 22 2.38 -0.54 0.59
CA LEU A 22 1.32 -1.51 0.87
C LEU A 22 0.18 -1.36 -0.14
N ILE A 23 -0.18 -0.12 -0.44
CA ILE A 23 -1.25 0.13 -1.41
C ILE A 23 -0.84 -0.38 -2.79
N GLY A 24 0.39 -0.09 -3.17
CA GLY A 24 0.87 -0.54 -4.47
C GLY A 24 0.80 -2.05 -4.59
N ILE A 25 1.20 -2.75 -3.53
CA ILE A 25 1.14 -4.21 -3.52
C ILE A 25 -0.32 -4.66 -3.62
N LEU A 26 -1.18 -3.99 -2.86
CA LEU A 26 -2.60 -4.33 -2.85
C LEU A 26 -3.21 -4.13 -4.24
N LEU A 27 -2.83 -3.03 -4.90
CA LEU A 27 -3.34 -2.74 -6.22
C LEU A 27 -2.93 -3.84 -7.20
N LEU A 28 -1.67 -4.25 -7.11
CA LEU A 28 -1.13 -5.29 -7.97
C LEU A 28 -1.84 -6.62 -7.77
N VAL A 29 -2.12 -6.96 -6.51
CA VAL A 29 -2.77 -8.24 -6.19
C VAL A 29 -4.17 -8.32 -6.78
N ILE A 30 -4.96 -7.26 -6.63
CA ILE A 30 -6.31 -7.26 -7.17
C ILE A 30 -6.30 -7.26 -8.69
N TRP A 31 -5.40 -6.48 -9.27
CA TRP A 31 -5.31 -6.45 -10.73
C TRP A 31 -5.06 -7.87 -11.24
N LYS A 32 -4.10 -8.54 -10.60
CA LYS A 32 -3.74 -9.91 -10.98
C LYS A 32 -4.92 -10.85 -10.78
N ALA A 33 -5.63 -10.63 -9.68
CA ALA A 33 -6.78 -11.47 -9.37
C ALA A 33 -7.82 -11.37 -10.47
N LEU A 34 -8.02 -10.19 -11.01
CA LEU A 34 -9.00 -10.00 -12.07
C LEU A 34 -8.61 -10.82 -13.30
N ILE A 35 -7.32 -10.85 -13.61
CA ILE A 35 -6.85 -11.61 -14.76
C ILE A 35 -7.11 -13.11 -14.57
N HIS A 36 -6.83 -13.62 -13.37
CA HIS A 36 -7.06 -15.03 -13.09
C HIS A 36 -8.56 -15.35 -13.08
N LEU A 37 -9.35 -14.47 -12.49
CA LEU A 37 -10.79 -14.65 -12.42
C LEU A 37 -11.42 -14.65 -13.80
N SER A 38 -10.95 -13.76 -14.66
CA SER A 38 -11.46 -13.65 -16.02
C SER A 38 -11.19 -14.93 -16.80
N ASP A 39 -10.05 -15.58 -16.49
CA ASP A 39 -9.67 -16.81 -17.15
C ASP A 39 -10.27 -18.03 -16.45
N LEU A 40 -10.67 -17.84 -15.19
CA LEU A 40 -11.26 -18.93 -14.41
C LEU A 40 -12.75 -18.67 -14.14
N ARG A 41 -13.59 -19.63 -14.51
CA ARG A 41 -15.02 -19.50 -14.31
C ARG A 41 -15.38 -19.69 -12.83
N GLU A 42 -16.36 -18.93 -12.36
CA GLU A 42 -16.79 -19.03 -10.97
C GLU A 42 -17.40 -20.40 -10.70
N TYR A 43 -18.17 -20.91 -11.66
CA TYR A 43 -18.82 -22.21 -11.53
C TYR A 43 -18.16 -23.23 -12.45
N GLY A 1 7.04 22.26 13.50
CA GLY A 1 7.14 21.35 12.34
C GLY A 1 8.30 21.76 11.46
N GLU A 2 8.01 22.49 10.38
CA GLU A 2 9.04 22.94 9.47
C GLU A 2 9.96 23.95 10.15
N SER A 3 9.37 24.82 10.97
CA SER A 3 10.14 25.84 11.68
C SER A 3 11.19 25.20 12.59
N VAL A 4 10.80 24.14 13.29
CA VAL A 4 11.71 23.45 14.19
C VAL A 4 11.70 21.95 13.93
N ALA A 5 12.88 21.34 13.88
CA ALA A 5 12.99 19.90 13.64
C ALA A 5 12.42 19.12 14.82
N GLY A 6 11.77 18.01 14.52
CA GLY A 6 11.19 17.17 15.57
C GLY A 6 10.93 15.75 15.06
N PRO A 7 10.68 14.84 15.95
CA PRO A 7 10.42 13.42 15.61
C PRO A 7 9.11 13.25 14.84
N ASN A 8 8.27 14.26 14.90
CA ASN A 8 6.98 14.22 14.23
C ASN A 8 7.15 14.10 12.71
N ILE A 9 8.13 14.82 12.15
CA ILE A 9 8.33 14.76 10.71
C ILE A 9 8.79 13.37 10.28
N ALA A 10 9.68 12.76 11.05
CA ALA A 10 10.18 11.45 10.73
C ALA A 10 9.05 10.42 10.77
N ALA A 11 8.15 10.56 11.73
CA ALA A 11 7.03 9.64 11.85
C ALA A 11 6.15 9.73 10.61
N ILE A 12 5.91 10.95 10.13
CA ILE A 12 5.08 11.14 8.95
C ILE A 12 5.74 10.53 7.71
N VAL A 13 7.04 10.77 7.57
CA VAL A 13 7.76 10.23 6.43
C VAL A 13 7.69 8.70 6.43
N GLY A 14 7.98 8.11 7.60
CA GLY A 14 7.98 6.66 7.72
C GLY A 14 6.60 6.05 7.46
N GLY A 15 5.57 6.66 8.02
CA GLY A 15 4.21 6.16 7.83
C GLY A 15 3.75 6.32 6.39
N THR A 16 4.06 7.47 5.80
CA THR A 16 3.65 7.76 4.43
C THR A 16 4.25 6.79 3.42
N VAL A 17 5.55 6.54 3.51
CA VAL A 17 6.18 5.63 2.55
C VAL A 17 5.60 4.21 2.71
N ALA A 18 5.43 3.79 3.96
CA ALA A 18 4.89 2.46 4.21
C ALA A 18 3.49 2.32 3.61
N GLY A 19 2.66 3.33 3.82
CA GLY A 19 1.30 3.29 3.29
C GLY A 19 1.28 3.20 1.77
N ILE A 20 2.16 3.96 1.13
CA ILE A 20 2.24 3.94 -0.34
C ILE A 20 2.64 2.56 -0.82
N VAL A 21 3.63 1.96 -0.16
CA VAL A 21 4.09 0.64 -0.53
C VAL A 21 2.98 -0.41 -0.34
N LEU A 22 2.31 -0.30 0.80
CA LEU A 22 1.23 -1.25 1.09
C LEU A 22 0.10 -1.16 0.05
N ILE A 23 -0.27 0.07 -0.33
CA ILE A 23 -1.35 0.26 -1.31
C ILE A 23 -0.96 -0.30 -2.68
N GLY A 24 0.26 -0.03 -3.11
CA GLY A 24 0.72 -0.50 -4.42
C GLY A 24 0.64 -2.03 -4.51
N ILE A 25 1.02 -2.69 -3.42
CA ILE A 25 0.95 -4.15 -3.37
C ILE A 25 -0.49 -4.61 -3.49
N LEU A 26 -1.38 -3.92 -2.79
CA LEU A 26 -2.80 -4.26 -2.81
C LEU A 26 -3.36 -4.15 -4.22
N LEU A 27 -3.00 -3.09 -4.93
CA LEU A 27 -3.48 -2.92 -6.29
C LEU A 27 -2.98 -4.05 -7.18
N LEU A 28 -1.72 -4.41 -6.99
CA LEU A 28 -1.11 -5.47 -7.79
C LEU A 28 -1.82 -6.80 -7.58
N VAL A 29 -2.12 -7.12 -6.33
CA VAL A 29 -2.80 -8.36 -6.01
C VAL A 29 -4.19 -8.40 -6.65
N ILE A 30 -4.93 -7.31 -6.52
CA ILE A 30 -6.26 -7.22 -7.08
C ILE A 30 -6.20 -7.31 -8.61
N TRP A 31 -5.25 -6.59 -9.19
CA TRP A 31 -5.11 -6.63 -10.64
C TRP A 31 -4.89 -8.07 -11.09
N LYS A 32 -3.99 -8.76 -10.40
CA LYS A 32 -3.68 -10.15 -10.72
C LYS A 32 -4.92 -11.03 -10.51
N ALA A 33 -5.66 -10.70 -9.46
CA ALA A 33 -6.86 -11.46 -9.16
C ALA A 33 -7.86 -11.37 -10.31
N LEU A 34 -8.05 -10.17 -10.83
CA LEU A 34 -8.98 -9.94 -11.92
C LEU A 34 -8.58 -10.67 -13.21
N ILE A 35 -7.30 -10.66 -13.54
CA ILE A 35 -6.81 -11.30 -14.77
C ILE A 35 -7.04 -12.81 -14.76
N HIS A 36 -6.74 -13.46 -13.65
CA HIS A 36 -6.90 -14.91 -13.57
C HIS A 36 -8.37 -15.30 -13.51
N LEU A 37 -9.19 -14.44 -12.92
CA LEU A 37 -10.62 -14.72 -12.81
C LEU A 37 -11.26 -14.83 -14.19
N SER A 38 -10.86 -13.93 -15.08
CA SER A 38 -11.36 -13.90 -16.45
C SER A 38 -11.11 -15.23 -17.15
N ASP A 39 -10.01 -15.88 -16.78
CA ASP A 39 -9.66 -17.17 -17.37
C ASP A 39 -10.34 -18.31 -16.62
N LEU A 40 -11.05 -17.97 -15.55
CA LEU A 40 -11.76 -18.97 -14.75
C LEU A 40 -10.79 -20.03 -14.24
N ARG A 41 -11.16 -20.67 -13.13
CA ARG A 41 -10.31 -21.70 -12.54
C ARG A 41 -10.12 -22.85 -13.53
N GLU A 42 -11.20 -23.25 -14.19
CA GLU A 42 -11.14 -24.34 -15.16
C GLU A 42 -10.32 -23.89 -16.38
N TYR A 43 -9.64 -24.83 -17.02
CA TYR A 43 -8.81 -24.52 -18.18
C TYR A 43 -7.74 -23.49 -17.81
N GLY A 1 0.75 18.28 26.40
CA GLY A 1 1.95 18.98 26.92
C GLY A 1 2.97 17.96 27.40
N GLU A 2 2.49 16.92 28.07
CA GLU A 2 3.38 15.88 28.58
C GLU A 2 4.04 15.12 27.43
N SER A 3 3.29 14.90 26.35
CA SER A 3 3.82 14.19 25.19
C SER A 3 4.74 15.10 24.38
N VAL A 4 5.58 14.48 23.55
CA VAL A 4 6.50 15.25 22.72
C VAL A 4 5.75 16.13 21.74
N ALA A 5 4.70 15.58 21.14
CA ALA A 5 3.90 16.34 20.19
C ALA A 5 4.79 17.16 19.27
N GLY A 6 6.06 16.77 19.17
CA GLY A 6 7.00 17.49 18.31
C GLY A 6 6.53 17.47 16.86
N PRO A 7 7.36 17.94 15.97
CA PRO A 7 7.04 17.99 14.51
C PRO A 7 6.61 16.63 13.97
N ASN A 8 7.27 15.58 14.45
CA ASN A 8 6.96 14.22 14.02
C ASN A 8 7.08 14.10 12.50
N ILE A 9 8.04 14.82 11.93
CA ILE A 9 8.24 14.77 10.49
C ILE A 9 8.70 13.39 10.05
N ALA A 10 9.60 12.80 10.83
CA ALA A 10 10.12 11.48 10.51
C ALA A 10 9.00 10.44 10.57
N ALA A 11 8.10 10.59 11.53
CA ALA A 11 6.99 9.67 11.66
C ALA A 11 6.10 9.72 10.41
N ILE A 12 5.85 10.94 9.92
CA ILE A 12 5.02 11.10 8.73
C ILE A 12 5.69 10.47 7.51
N VAL A 13 6.98 10.72 7.37
CA VAL A 13 7.70 10.16 6.22
C VAL A 13 7.65 8.64 6.26
N GLY A 14 7.93 8.08 7.43
CA GLY A 14 7.95 6.62 7.59
C GLY A 14 6.57 6.01 7.34
N GLY A 15 5.55 6.59 7.96
CA GLY A 15 4.19 6.07 7.81
C GLY A 15 3.69 6.25 6.37
N THR A 16 3.99 7.40 5.78
CA THR A 16 3.56 7.69 4.43
C THR A 16 4.16 6.71 3.44
N VAL A 17 5.46 6.47 3.54
CA VAL A 17 6.13 5.54 2.63
C VAL A 17 5.54 4.14 2.77
N ALA A 18 5.39 3.70 4.01
CA ALA A 18 4.85 2.36 4.26
C ALA A 18 3.44 2.22 3.68
N GLY A 19 2.60 3.23 3.88
CA GLY A 19 1.22 3.19 3.37
C GLY A 19 1.19 3.11 1.84
N ILE A 20 2.08 3.87 1.21
CA ILE A 20 2.16 3.87 -0.25
C ILE A 20 2.57 2.49 -0.76
N VAL A 21 3.56 1.88 -0.09
CA VAL A 21 4.01 0.55 -0.49
C VAL A 21 2.91 -0.47 -0.28
N LEU A 22 2.22 -0.36 0.85
CA LEU A 22 1.15 -1.30 1.16
C LEU A 22 0.05 -1.22 0.11
N ILE A 23 -0.32 0.01 -0.26
CA ILE A 23 -1.36 0.20 -1.27
C ILE A 23 -0.93 -0.38 -2.61
N GLY A 24 0.32 -0.11 -3.00
CA GLY A 24 0.81 -0.60 -4.28
C GLY A 24 0.75 -2.13 -4.34
N ILE A 25 1.12 -2.79 -3.24
CA ILE A 25 1.08 -4.24 -3.19
C ILE A 25 -0.36 -4.71 -3.32
N LEU A 26 -1.26 -4.04 -2.62
CA LEU A 26 -2.68 -4.41 -2.68
C LEU A 26 -3.22 -4.23 -4.10
N LEU A 27 -2.84 -3.15 -4.77
CA LEU A 27 -3.31 -2.90 -6.12
C LEU A 27 -2.85 -4.00 -7.08
N LEU A 28 -1.58 -4.39 -6.96
CA LEU A 28 -1.04 -5.44 -7.82
C LEU A 28 -1.75 -6.77 -7.59
N VAL A 29 -2.02 -7.09 -6.32
CA VAL A 29 -2.68 -8.34 -6.00
C VAL A 29 -4.09 -8.38 -6.61
N ILE A 30 -4.82 -7.27 -6.45
CA ILE A 30 -6.16 -7.18 -7.00
C ILE A 30 -6.13 -7.26 -8.52
N TRP A 31 -5.18 -6.55 -9.11
CA TRP A 31 -5.04 -6.57 -10.56
C TRP A 31 -4.84 -8.01 -11.02
N LYS A 32 -3.93 -8.71 -10.33
CA LYS A 32 -3.63 -10.10 -10.66
C LYS A 32 -4.87 -10.97 -10.47
N ALA A 33 -5.63 -10.67 -9.44
CA ALA A 33 -6.83 -11.42 -9.16
C ALA A 33 -7.83 -11.29 -10.30
N LEU A 34 -8.02 -10.07 -10.79
CA LEU A 34 -8.98 -9.80 -11.86
C LEU A 34 -8.63 -10.48 -13.20
N ILE A 35 -7.35 -10.46 -13.59
CA ILE A 35 -6.97 -11.06 -14.87
C ILE A 35 -7.13 -12.58 -14.87
N HIS A 36 -6.74 -13.22 -13.77
CA HIS A 36 -6.85 -14.68 -13.70
C HIS A 36 -8.31 -15.10 -13.56
N LEU A 37 -9.11 -14.23 -12.95
CA LEU A 37 -10.53 -14.52 -12.77
C LEU A 37 -11.22 -14.66 -14.12
N SER A 38 -10.86 -13.78 -15.05
CA SER A 38 -11.44 -13.79 -16.39
C SER A 38 -11.16 -15.13 -17.07
N ASP A 39 -10.09 -15.79 -16.67
CA ASP A 39 -9.72 -17.09 -17.23
C ASP A 39 -10.41 -18.21 -16.45
N LEU A 40 -11.17 -17.84 -15.42
CA LEU A 40 -11.88 -18.82 -14.61
C LEU A 40 -10.91 -19.84 -14.00
N ARG A 41 -11.22 -20.27 -12.78
CA ARG A 41 -10.37 -21.24 -12.09
C ARG A 41 -10.44 -22.59 -12.79
N GLU A 42 -9.29 -23.20 -13.04
CA GLU A 42 -9.23 -24.49 -13.72
C GLU A 42 -9.87 -25.59 -12.89
N TYR A 43 -9.63 -25.57 -11.59
CA TYR A 43 -10.18 -26.59 -10.71
C TYR A 43 -11.53 -26.14 -10.15
N GLY A 1 8.86 14.36 22.62
CA GLY A 1 7.52 13.98 22.11
C GLY A 1 7.17 12.58 22.60
N GLU A 2 6.67 12.49 23.82
CA GLU A 2 6.29 11.20 24.39
C GLU A 2 5.11 10.60 23.64
N SER A 3 4.18 11.45 23.23
CA SER A 3 2.98 10.99 22.53
C SER A 3 3.35 10.32 21.20
N VAL A 4 4.39 10.84 20.54
CA VAL A 4 4.82 10.29 19.26
C VAL A 4 6.27 9.83 19.32
N ALA A 5 6.52 8.60 18.86
CA ALA A 5 7.87 8.06 18.87
C ALA A 5 8.77 8.82 17.90
N GLY A 6 10.03 9.01 18.29
CA GLY A 6 10.98 9.72 17.44
C GLY A 6 10.41 11.07 17.01
N PRO A 7 11.07 11.72 16.09
CA PRO A 7 10.63 13.05 15.57
C PRO A 7 9.26 12.98 14.91
N ASN A 8 8.47 14.05 15.07
CA ASN A 8 7.14 14.10 14.48
C ASN A 8 7.22 14.04 12.95
N ILE A 9 8.20 14.74 12.39
CA ILE A 9 8.37 14.76 10.95
C ILE A 9 8.75 13.38 10.43
N ALA A 10 9.65 12.70 11.15
CA ALA A 10 10.09 11.37 10.75
C ALA A 10 8.93 10.39 10.76
N ALA A 11 8.03 10.54 11.73
CA ALA A 11 6.88 9.65 11.83
C ALA A 11 6.02 9.73 10.56
N ILE A 12 5.78 10.95 10.09
CA ILE A 12 4.98 11.12 8.88
C ILE A 12 5.67 10.52 7.67
N VAL A 13 6.95 10.79 7.53
CA VAL A 13 7.69 10.28 6.40
C VAL A 13 7.66 8.74 6.41
N GLY A 14 7.91 8.16 7.57
CA GLY A 14 7.94 6.71 7.69
C GLY A 14 6.57 6.08 7.43
N GLY A 15 5.53 6.67 7.99
CA GLY A 15 4.19 6.16 7.80
C GLY A 15 3.72 6.32 6.35
N THR A 16 4.04 7.46 5.75
CA THR A 16 3.62 7.74 4.36
C THR A 16 4.24 6.75 3.38
N VAL A 17 5.54 6.52 3.47
CA VAL A 17 6.18 5.59 2.54
C VAL A 17 5.62 4.19 2.70
N ALA A 18 5.42 3.77 3.94
CA ALA A 18 4.89 2.45 4.21
C ALA A 18 3.49 2.30 3.60
N GLY A 19 2.66 3.31 3.78
CA GLY A 19 1.29 3.27 3.24
C GLY A 19 1.30 3.19 1.72
N ILE A 20 2.23 3.92 1.10
CA ILE A 20 2.33 3.92 -0.37
C ILE A 20 2.68 2.53 -0.88
N VAL A 21 3.64 1.89 -0.21
CA VAL A 21 4.06 0.55 -0.59
C VAL A 21 2.94 -0.47 -0.42
N LEU A 22 2.23 -0.36 0.70
CA LEU A 22 1.14 -1.30 1.00
C LEU A 22 0.04 -1.24 -0.06
N ILE A 23 -0.37 -0.04 -0.45
CA ILE A 23 -1.43 0.07 -1.45
C ILE A 23 -0.97 -0.44 -2.81
N GLY A 24 0.26 -0.14 -3.19
CA GLY A 24 0.76 -0.61 -4.48
C GLY A 24 0.72 -2.13 -4.55
N ILE A 25 1.13 -2.77 -3.46
CA ILE A 25 1.11 -4.23 -3.41
C ILE A 25 -0.33 -4.72 -3.49
N LEU A 26 -1.21 -4.07 -2.75
CA LEU A 26 -2.61 -4.44 -2.75
C LEU A 26 -3.22 -4.28 -4.15
N LEU A 27 -2.88 -3.18 -4.81
CA LEU A 27 -3.40 -2.92 -6.14
C LEU A 27 -2.92 -4.01 -7.11
N LEU A 28 -1.66 -4.37 -7.00
CA LEU A 28 -1.07 -5.39 -7.87
C LEU A 28 -1.77 -6.73 -7.68
N VAL A 29 -2.03 -7.09 -6.42
CA VAL A 29 -2.69 -8.36 -6.13
C VAL A 29 -4.09 -8.39 -6.72
N ILE A 30 -4.84 -7.30 -6.52
CA ILE A 30 -6.19 -7.22 -7.04
C ILE A 30 -6.18 -7.24 -8.56
N TRP A 31 -5.26 -6.50 -9.15
CA TRP A 31 -5.16 -6.47 -10.60
C TRP A 31 -4.92 -7.88 -11.12
N LYS A 32 -3.97 -8.57 -10.50
CA LYS A 32 -3.64 -9.93 -10.90
C LYS A 32 -4.83 -10.86 -10.70
N ALA A 33 -5.55 -10.64 -9.61
CA ALA A 33 -6.71 -11.47 -9.31
C ALA A 33 -7.77 -11.32 -10.41
N LEU A 34 -7.97 -10.10 -10.89
CA LEU A 34 -8.96 -9.87 -11.93
C LEU A 34 -8.57 -10.64 -13.19
N ILE A 35 -7.29 -10.67 -13.51
CA ILE A 35 -6.81 -11.39 -14.68
C ILE A 35 -7.07 -12.88 -14.53
N HIS A 36 -6.81 -13.41 -13.33
CA HIS A 36 -7.03 -14.83 -13.06
C HIS A 36 -8.52 -15.18 -13.11
N LEU A 37 -9.35 -14.30 -12.59
CA LEU A 37 -10.79 -14.55 -12.58
C LEU A 37 -11.36 -14.67 -14.00
N SER A 38 -10.89 -13.81 -14.88
CA SER A 38 -11.33 -13.81 -16.27
C SER A 38 -11.06 -15.15 -16.95
N ASP A 39 -9.97 -15.80 -16.56
CA ASP A 39 -9.61 -17.10 -17.13
C ASP A 39 -10.29 -18.24 -16.38
N LEU A 40 -10.69 -17.98 -15.14
CA LEU A 40 -11.35 -19.00 -14.33
C LEU A 40 -12.84 -18.70 -14.18
N ARG A 41 -13.67 -19.71 -14.43
CA ARG A 41 -15.12 -19.54 -14.34
C ARG A 41 -15.63 -20.12 -13.01
N GLU A 42 -16.52 -19.39 -12.36
CA GLU A 42 -17.08 -19.84 -11.09
C GLU A 42 -17.92 -21.09 -11.30
N TYR A 43 -17.79 -22.05 -10.38
CA TYR A 43 -18.54 -23.29 -10.46
C TYR A 43 -19.98 -23.02 -10.90
N GLY A 1 12.85 19.83 25.47
CA GLY A 1 12.57 20.96 24.53
C GLY A 1 12.82 20.52 23.10
N GLU A 2 13.70 19.53 22.94
CA GLU A 2 14.03 19.02 21.61
C GLU A 2 12.83 18.31 20.99
N SER A 3 12.08 17.59 21.81
CA SER A 3 10.92 16.86 21.33
C SER A 3 9.75 17.80 21.01
N VAL A 4 8.79 17.26 20.26
CA VAL A 4 7.60 18.04 19.87
C VAL A 4 6.32 17.35 20.33
N ALA A 5 5.43 18.11 20.96
CA ALA A 5 4.16 17.57 21.43
C ALA A 5 3.28 17.11 20.28
N GLY A 6 3.30 17.85 19.18
CA GLY A 6 2.46 17.51 18.02
C GLY A 6 3.08 16.40 17.18
N PRO A 7 2.59 16.23 15.97
CA PRO A 7 3.09 15.19 15.01
C PRO A 7 4.53 15.44 14.62
N ASN A 8 5.27 14.37 14.37
CA ASN A 8 6.68 14.49 14.00
C ASN A 8 6.85 14.33 12.49
N ILE A 9 7.77 15.10 11.93
CA ILE A 9 8.02 15.07 10.49
C ILE A 9 8.52 13.69 10.08
N ALA A 10 9.44 13.14 10.87
CA ALA A 10 10.00 11.82 10.58
C ALA A 10 8.93 10.74 10.64
N ALA A 11 8.01 10.88 11.59
CA ALA A 11 6.95 9.90 11.73
C ALA A 11 6.07 9.89 10.47
N ILE A 12 5.79 11.07 9.95
CA ILE A 12 4.96 11.18 8.75
C ILE A 12 5.65 10.52 7.55
N VAL A 13 6.94 10.79 7.41
CA VAL A 13 7.68 10.22 6.29
C VAL A 13 7.66 8.70 6.36
N GLY A 14 7.93 8.16 7.54
CA GLY A 14 7.98 6.71 7.72
C GLY A 14 6.63 6.04 7.45
N GLY A 15 5.57 6.56 8.09
CA GLY A 15 4.24 5.99 7.90
C GLY A 15 3.76 6.17 6.48
N THR A 16 4.05 7.33 5.91
CA THR A 16 3.64 7.63 4.54
C THR A 16 4.27 6.66 3.56
N VAL A 17 5.57 6.41 3.72
CA VAL A 17 6.26 5.50 2.83
C VAL A 17 5.67 4.09 2.94
N ALA A 18 5.46 3.64 4.16
CA ALA A 18 4.92 2.30 4.37
C ALA A 18 3.54 2.17 3.73
N GLY A 19 2.68 3.18 3.88
CA GLY A 19 1.35 3.12 3.30
C GLY A 19 1.41 3.04 1.78
N ILE A 20 2.32 3.78 1.18
CA ILE A 20 2.45 3.77 -0.27
C ILE A 20 2.86 2.37 -0.75
N VAL A 21 3.81 1.78 -0.05
CA VAL A 21 4.28 0.45 -0.40
C VAL A 21 3.16 -0.59 -0.22
N LEU A 22 2.46 -0.49 0.90
CA LEU A 22 1.38 -1.42 1.21
C LEU A 22 0.23 -1.35 0.20
N ILE A 23 -0.20 -0.15 -0.17
CA ILE A 23 -1.30 -0.05 -1.13
C ILE A 23 -0.92 -0.58 -2.52
N GLY A 24 0.31 -0.27 -2.94
CA GLY A 24 0.76 -0.72 -4.26
C GLY A 24 0.71 -2.24 -4.37
N ILE A 25 1.12 -2.94 -3.32
CA ILE A 25 1.08 -4.40 -3.34
C ILE A 25 -0.37 -4.89 -3.45
N LEU A 26 -1.26 -4.28 -2.67
CA LEU A 26 -2.67 -4.65 -2.72
C LEU A 26 -3.28 -4.34 -4.08
N LEU A 27 -2.92 -3.20 -4.66
CA LEU A 27 -3.46 -2.83 -5.97
C LEU A 27 -3.02 -3.85 -7.01
N LEU A 28 -1.75 -4.25 -6.95
CA LEU A 28 -1.19 -5.21 -7.90
C LEU A 28 -1.86 -6.58 -7.77
N VAL A 29 -2.09 -7.01 -6.54
CA VAL A 29 -2.70 -8.31 -6.30
C VAL A 29 -4.11 -8.37 -6.89
N ILE A 30 -4.89 -7.32 -6.65
CA ILE A 30 -6.26 -7.25 -7.15
C ILE A 30 -6.26 -7.24 -8.67
N TRP A 31 -5.36 -6.46 -9.24
CA TRP A 31 -5.27 -6.38 -10.68
C TRP A 31 -5.03 -7.78 -11.24
N LYS A 32 -4.07 -8.48 -10.66
CA LYS A 32 -3.71 -9.82 -11.11
C LYS A 32 -4.89 -10.78 -10.90
N ALA A 33 -5.61 -10.56 -9.81
CA ALA A 33 -6.76 -11.42 -9.50
C ALA A 33 -7.81 -11.28 -10.60
N LEU A 34 -8.01 -10.08 -11.12
CA LEU A 34 -8.99 -9.86 -12.17
C LEU A 34 -8.60 -10.67 -13.41
N ILE A 35 -7.33 -10.67 -13.73
CA ILE A 35 -6.84 -11.42 -14.87
C ILE A 35 -7.09 -12.91 -14.65
N HIS A 36 -6.80 -13.41 -13.44
CA HIS A 36 -7.02 -14.81 -13.14
C HIS A 36 -8.50 -15.15 -13.13
N LEU A 37 -9.31 -14.28 -12.53
CA LEU A 37 -10.75 -14.51 -12.45
C LEU A 37 -11.39 -14.53 -13.83
N SER A 38 -10.94 -13.64 -14.72
CA SER A 38 -11.46 -13.58 -16.08
C SER A 38 -11.19 -14.89 -16.81
N ASP A 39 -10.07 -15.51 -16.49
CA ASP A 39 -9.73 -16.81 -17.08
C ASP A 39 -10.56 -17.90 -16.42
N LEU A 40 -10.72 -17.80 -15.11
CA LEU A 40 -11.49 -18.80 -14.37
C LEU A 40 -12.94 -18.77 -14.84
N ARG A 41 -13.48 -17.57 -15.02
CA ARG A 41 -14.87 -17.42 -15.46
C ARG A 41 -14.95 -17.45 -16.98
N GLU A 42 -15.95 -18.13 -17.51
CA GLU A 42 -16.13 -18.22 -18.95
C GLU A 42 -16.49 -16.87 -19.54
N TYR A 43 -17.36 -16.13 -18.84
CA TYR A 43 -17.79 -14.82 -19.30
C TYR A 43 -16.63 -13.83 -19.33
N GLY A 1 21.59 27.13 19.96
CA GLY A 1 21.19 27.99 18.82
C GLY A 1 20.86 27.11 17.61
N GLU A 2 20.14 26.02 17.87
CA GLU A 2 19.76 25.10 16.80
C GLU A 2 18.30 24.71 16.93
N SER A 3 17.65 24.49 15.79
CA SER A 3 16.23 24.11 15.80
C SER A 3 15.97 23.01 14.77
N VAL A 4 15.06 22.10 15.10
CA VAL A 4 14.72 21.00 14.21
C VAL A 4 13.21 20.85 14.09
N ALA A 5 12.77 20.17 13.04
CA ALA A 5 11.34 19.97 12.82
C ALA A 5 10.74 19.13 13.95
N GLY A 6 11.50 18.14 14.42
CA GLY A 6 11.04 17.28 15.50
C GLY A 6 10.82 15.85 14.98
N PRO A 7 10.58 14.94 15.89
CA PRO A 7 10.36 13.50 15.55
C PRO A 7 9.05 13.30 14.78
N ASN A 8 8.18 14.30 14.84
CA ASN A 8 6.90 14.23 14.16
C ASN A 8 7.07 14.12 12.64
N ILE A 9 8.03 14.86 12.09
CA ILE A 9 8.25 14.81 10.64
C ILE A 9 8.72 13.41 10.21
N ALA A 10 9.62 12.83 10.99
CA ALA A 10 10.15 11.51 10.67
C ALA A 10 9.03 10.46 10.71
N ALA A 11 8.13 10.60 11.67
CA ALA A 11 7.02 9.66 11.79
C ALA A 11 6.14 9.72 10.54
N ILE A 12 5.89 10.94 10.06
CA ILE A 12 5.06 11.11 8.88
C ILE A 12 5.73 10.50 7.66
N VAL A 13 7.03 10.75 7.51
CA VAL A 13 7.75 10.23 6.37
C VAL A 13 7.71 8.70 6.39
N GLY A 14 7.98 8.13 7.56
CA GLY A 14 8.01 6.67 7.70
C GLY A 14 6.64 6.05 7.44
N GLY A 15 5.60 6.61 8.06
CA GLY A 15 4.25 6.10 7.89
C GLY A 15 3.76 6.29 6.44
N THR A 16 4.05 7.44 5.88
CA THR A 16 3.63 7.74 4.51
C THR A 16 4.25 6.78 3.52
N VAL A 17 5.55 6.53 3.64
CA VAL A 17 6.22 5.63 2.72
C VAL A 17 5.64 4.22 2.85
N ALA A 18 5.47 3.77 4.08
CA ALA A 18 4.94 2.44 4.33
C ALA A 18 3.53 2.30 3.74
N GLY A 19 2.69 3.31 3.96
CA GLY A 19 1.32 3.27 3.43
C GLY A 19 1.31 3.22 1.91
N ILE A 20 2.20 3.99 1.28
CA ILE A 20 2.28 4.00 -0.18
C ILE A 20 2.68 2.62 -0.70
N VAL A 21 3.66 2.02 -0.05
CA VAL A 21 4.13 0.69 -0.44
C VAL A 21 3.02 -0.35 -0.25
N LEU A 22 2.34 -0.26 0.88
CA LEU A 22 1.26 -1.20 1.16
C LEU A 22 0.15 -1.10 0.12
N ILE A 23 -0.24 0.12 -0.24
CA ILE A 23 -1.30 0.31 -1.22
C ILE A 23 -0.89 -0.23 -2.59
N GLY A 24 0.34 0.05 -2.99
CA GLY A 24 0.84 -0.41 -4.28
C GLY A 24 0.75 -1.92 -4.38
N ILE A 25 1.09 -2.59 -3.29
CA ILE A 25 1.01 -4.05 -3.23
C ILE A 25 -0.45 -4.50 -3.38
N LEU A 26 -1.35 -3.81 -2.69
CA LEU A 26 -2.77 -4.16 -2.74
C LEU A 26 -3.32 -4.05 -4.16
N LEU A 27 -2.94 -3.01 -4.88
CA LEU A 27 -3.42 -2.83 -6.24
C LEU A 27 -2.94 -3.97 -7.16
N LEU A 28 -1.69 -4.37 -6.99
CA LEU A 28 -1.12 -5.43 -7.83
C LEU A 28 -1.81 -6.78 -7.65
N VAL A 29 -2.11 -7.16 -6.41
CA VAL A 29 -2.75 -8.46 -6.16
C VAL A 29 -4.16 -8.53 -6.76
N ILE A 30 -4.94 -7.46 -6.63
CA ILE A 30 -6.29 -7.45 -7.18
C ILE A 30 -6.24 -7.46 -8.71
N TRP A 31 -5.29 -6.72 -9.27
CA TRP A 31 -5.16 -6.68 -10.72
C TRP A 31 -4.93 -8.10 -11.22
N LYS A 32 -4.00 -8.80 -10.55
CA LYS A 32 -3.65 -10.17 -10.92
C LYS A 32 -4.87 -11.09 -10.79
N ALA A 33 -5.65 -10.83 -9.75
CA ALA A 33 -6.84 -11.64 -9.49
C ALA A 33 -7.87 -11.48 -10.62
N LEU A 34 -8.05 -10.26 -11.12
CA LEU A 34 -9.04 -10.01 -12.18
C LEU A 34 -8.69 -10.76 -13.46
N ILE A 35 -7.42 -10.77 -13.84
CA ILE A 35 -7.02 -11.49 -15.05
C ILE A 35 -7.19 -12.98 -14.83
N HIS A 36 -6.86 -13.45 -13.63
CA HIS A 36 -7.00 -14.87 -13.31
C HIS A 36 -8.47 -15.26 -13.26
N LEU A 37 -9.29 -14.39 -12.69
CA LEU A 37 -10.72 -14.65 -12.58
C LEU A 37 -11.37 -14.74 -13.95
N SER A 38 -10.96 -13.85 -14.84
CA SER A 38 -11.48 -13.81 -16.20
C SER A 38 -11.16 -15.11 -16.94
N ASP A 39 -10.00 -15.68 -16.62
CA ASP A 39 -9.58 -16.95 -17.21
C ASP A 39 -10.38 -18.09 -16.59
N LEU A 40 -10.60 -18.01 -15.28
CA LEU A 40 -11.35 -19.04 -14.57
C LEU A 40 -12.79 -19.10 -15.09
N ARG A 41 -13.38 -17.93 -15.30
CA ARG A 41 -14.76 -17.87 -15.80
C ARG A 41 -14.81 -18.22 -17.29
N GLU A 42 -15.88 -18.89 -17.70
CA GLU A 42 -16.04 -19.27 -19.10
C GLU A 42 -16.21 -18.04 -19.97
N TYR A 43 -16.95 -17.06 -19.47
CA TYR A 43 -17.18 -15.83 -20.21
C TYR A 43 -17.74 -14.74 -19.29
N GLY A 1 15.84 17.13 17.59
CA GLY A 1 17.03 17.97 17.93
C GLY A 1 16.86 18.52 19.35
N GLU A 2 17.42 19.71 19.58
CA GLU A 2 17.33 20.35 20.89
C GLU A 2 15.88 20.70 21.21
N SER A 3 15.16 21.16 20.20
CA SER A 3 13.76 21.55 20.39
C SER A 3 12.89 20.90 19.31
N VAL A 4 11.62 20.67 19.64
CA VAL A 4 10.68 20.06 18.71
C VAL A 4 9.47 20.97 18.49
N ALA A 5 9.11 21.18 17.23
CA ALA A 5 7.96 22.03 16.91
C ALA A 5 6.67 21.41 17.45
N GLY A 6 6.58 20.10 17.38
CA GLY A 6 5.40 19.41 17.88
C GLY A 6 5.24 18.04 17.22
N PRO A 7 4.78 18.02 16.00
CA PRO A 7 4.58 16.76 15.23
C PRO A 7 5.90 16.11 14.84
N ASN A 8 5.88 14.79 14.69
CA ASN A 8 7.08 14.06 14.29
C ASN A 8 7.18 13.99 12.77
N ILE A 9 8.13 14.72 12.22
CA ILE A 9 8.36 14.73 10.76
C ILE A 9 8.80 13.32 10.28
N ALA A 10 9.70 12.71 11.03
CA ALA A 10 10.17 11.35 10.64
C ALA A 10 9.02 10.34 10.68
N ALA A 11 8.13 10.48 11.66
CA ALA A 11 6.99 9.56 11.75
C ALA A 11 6.11 9.67 10.52
N ILE A 12 5.87 10.90 10.07
CA ILE A 12 5.03 11.12 8.90
C ILE A 12 5.69 10.53 7.66
N VAL A 13 6.99 10.76 7.52
CA VAL A 13 7.70 10.23 6.36
C VAL A 13 7.63 8.70 6.35
N GLY A 14 7.90 8.11 7.51
CA GLY A 14 7.89 6.66 7.63
C GLY A 14 6.51 6.06 7.37
N GLY A 15 5.49 6.64 7.99
CA GLY A 15 4.13 6.15 7.82
C GLY A 15 3.65 6.34 6.38
N THR A 16 3.97 7.49 5.81
CA THR A 16 3.54 7.80 4.45
C THR A 16 4.16 6.83 3.44
N VAL A 17 5.45 6.57 3.58
CA VAL A 17 6.12 5.65 2.66
C VAL A 17 5.52 4.26 2.78
N ALA A 18 5.32 3.80 4.01
CA ALA A 18 4.77 2.47 4.23
C ALA A 18 3.37 2.35 3.62
N GLY A 19 2.55 3.38 3.79
CA GLY A 19 1.19 3.36 3.25
C GLY A 19 1.22 3.25 1.73
N ILE A 20 2.13 3.98 1.10
CA ILE A 20 2.26 3.93 -0.36
C ILE A 20 2.65 2.54 -0.81
N VAL A 21 3.61 1.94 -0.10
CA VAL A 21 4.07 0.60 -0.42
C VAL A 21 2.94 -0.41 -0.24
N LEU A 22 2.21 -0.27 0.85
CA LEU A 22 1.11 -1.19 1.13
C LEU A 22 0.05 -1.08 0.04
N ILE A 23 -0.28 0.13 -0.37
CA ILE A 23 -1.29 0.32 -1.41
C ILE A 23 -0.81 -0.27 -2.75
N GLY A 24 0.44 -0.02 -3.09
CA GLY A 24 0.99 -0.52 -4.36
C GLY A 24 0.91 -2.03 -4.47
N ILE A 25 1.33 -2.74 -3.42
CA ILE A 25 1.29 -4.20 -3.45
C ILE A 25 -0.16 -4.68 -3.45
N LEU A 26 -1.02 -4.02 -2.67
CA LEU A 26 -2.42 -4.41 -2.59
C LEU A 26 -3.09 -4.30 -3.97
N LEU A 27 -2.79 -3.22 -4.68
CA LEU A 27 -3.36 -3.01 -6.01
C LEU A 27 -2.91 -4.10 -6.99
N LEU A 28 -1.63 -4.47 -6.90
CA LEU A 28 -1.07 -5.47 -7.80
C LEU A 28 -1.76 -6.83 -7.66
N VAL A 29 -1.99 -7.27 -6.42
CA VAL A 29 -2.64 -8.56 -6.21
C VAL A 29 -4.08 -8.53 -6.74
N ILE A 30 -4.79 -7.45 -6.49
CA ILE A 30 -6.16 -7.33 -6.96
C ILE A 30 -6.19 -7.32 -8.49
N TRP A 31 -5.27 -6.56 -9.08
CA TRP A 31 -5.20 -6.50 -10.53
C TRP A 31 -4.99 -7.91 -11.09
N LYS A 32 -4.05 -8.62 -10.50
CA LYS A 32 -3.72 -9.98 -10.93
C LYS A 32 -4.93 -10.90 -10.76
N ALA A 33 -5.65 -10.70 -9.67
CA ALA A 33 -6.81 -11.52 -9.39
C ALA A 33 -7.84 -11.37 -10.51
N LEU A 34 -8.01 -10.14 -11.00
CA LEU A 34 -8.97 -9.89 -12.07
C LEU A 34 -8.60 -10.67 -13.33
N ILE A 35 -7.30 -10.70 -13.65
CA ILE A 35 -6.83 -11.42 -14.83
C ILE A 35 -7.11 -12.92 -14.70
N HIS A 36 -6.82 -13.48 -13.52
CA HIS A 36 -7.05 -14.90 -13.28
C HIS A 36 -8.54 -15.22 -13.28
N LEU A 37 -9.33 -14.31 -12.72
CA LEU A 37 -10.77 -14.52 -12.63
C LEU A 37 -11.38 -14.63 -14.03
N SER A 38 -10.90 -13.78 -14.94
CA SER A 38 -11.36 -13.77 -16.31
C SER A 38 -11.21 -15.14 -16.96
N ASP A 39 -10.15 -15.86 -16.58
CA ASP A 39 -9.93 -17.21 -17.12
C ASP A 39 -11.02 -18.13 -16.56
N LEU A 40 -11.36 -17.98 -15.29
CA LEU A 40 -12.40 -18.81 -14.69
C LEU A 40 -13.74 -18.55 -15.37
N ARG A 41 -14.01 -17.28 -15.66
CA ARG A 41 -15.26 -16.91 -16.31
C ARG A 41 -15.36 -17.52 -17.70
N GLU A 42 -14.24 -17.54 -18.43
CA GLU A 42 -14.23 -18.10 -19.78
C GLU A 42 -13.56 -19.47 -19.78
N TYR A 43 -14.31 -20.48 -20.23
CA TYR A 43 -13.79 -21.83 -20.29
C TYR A 43 -12.54 -21.89 -21.17
N GLY A 1 21.95 26.88 7.23
CA GLY A 1 22.98 26.07 6.54
C GLY A 1 22.53 24.61 6.49
N GLU A 2 22.12 24.09 7.63
CA GLU A 2 21.66 22.69 7.71
C GLU A 2 20.37 22.61 8.51
N SER A 3 19.52 21.66 8.15
CA SER A 3 18.24 21.47 8.83
C SER A 3 17.96 19.99 9.05
N VAL A 4 17.33 19.67 10.17
CA VAL A 4 17.00 18.28 10.48
C VAL A 4 15.53 18.15 10.85
N ALA A 5 14.87 17.13 10.31
CA ALA A 5 13.47 16.89 10.58
C ALA A 5 13.27 16.47 12.03
N GLY A 6 12.16 16.92 12.63
CA GLY A 6 11.87 16.59 14.01
C GLY A 6 11.19 15.22 14.11
N PRO A 7 10.96 14.72 15.30
CA PRO A 7 10.31 13.40 15.51
C PRO A 7 8.96 13.29 14.78
N ASN A 8 8.17 14.36 14.84
CA ASN A 8 6.87 14.36 14.19
C ASN A 8 7.00 14.22 12.67
N ILE A 9 7.98 14.92 12.12
CA ILE A 9 8.22 14.86 10.68
C ILE A 9 8.65 13.46 10.27
N ALA A 10 9.55 12.88 11.06
CA ALA A 10 10.06 11.53 10.76
C ALA A 10 8.91 10.51 10.80
N ALA A 11 8.03 10.65 11.78
CA ALA A 11 6.90 9.73 11.90
C ALA A 11 6.03 9.80 10.64
N ILE A 12 5.74 11.02 10.17
CA ILE A 12 4.92 11.18 8.95
C ILE A 12 5.63 10.59 7.73
N VAL A 13 6.91 10.88 7.59
CA VAL A 13 7.65 10.36 6.44
C VAL A 13 7.62 8.84 6.41
N GLY A 14 7.92 8.23 7.57
CA GLY A 14 7.95 6.78 7.66
C GLY A 14 6.59 6.15 7.42
N GLY A 15 5.54 6.72 8.00
CA GLY A 15 4.20 6.18 7.83
C GLY A 15 3.72 6.36 6.38
N THR A 16 4.01 7.52 5.80
CA THR A 16 3.58 7.81 4.44
C THR A 16 4.20 6.85 3.41
N VAL A 17 5.51 6.61 3.50
CA VAL A 17 6.15 5.70 2.55
C VAL A 17 5.63 4.28 2.72
N ALA A 18 5.47 3.87 3.97
CA ALA A 18 4.99 2.53 4.27
C ALA A 18 3.60 2.32 3.68
N GLY A 19 2.72 3.29 3.85
CA GLY A 19 1.36 3.18 3.34
C GLY A 19 1.36 3.05 1.81
N ILE A 20 2.25 3.79 1.17
CA ILE A 20 2.34 3.75 -0.29
C ILE A 20 2.75 2.36 -0.77
N VAL A 21 3.73 1.76 -0.11
CA VAL A 21 4.21 0.43 -0.49
C VAL A 21 3.10 -0.61 -0.33
N LEU A 22 2.41 -0.55 0.81
CA LEU A 22 1.33 -1.52 1.07
C LEU A 22 0.22 -1.37 0.03
N ILE A 23 -0.16 -0.14 -0.31
CA ILE A 23 -1.20 0.09 -1.30
C ILE A 23 -0.78 -0.44 -2.66
N GLY A 24 0.47 -0.17 -3.04
CA GLY A 24 0.95 -0.63 -4.33
C GLY A 24 0.88 -2.16 -4.44
N ILE A 25 1.28 -2.84 -3.38
CA ILE A 25 1.23 -4.30 -3.36
C ILE A 25 -0.21 -4.77 -3.47
N LEU A 26 -1.09 -4.13 -2.70
CA LEU A 26 -2.51 -4.49 -2.72
C LEU A 26 -3.11 -4.26 -4.10
N LEU A 27 -2.74 -3.14 -4.73
CA LEU A 27 -3.27 -2.82 -6.06
C LEU A 27 -2.86 -3.91 -7.06
N LEU A 28 -1.60 -4.31 -6.99
CA LEU A 28 -1.07 -5.34 -7.88
C LEU A 28 -1.77 -6.68 -7.69
N VAL A 29 -2.03 -7.05 -6.43
CA VAL A 29 -2.68 -8.32 -6.13
C VAL A 29 -4.09 -8.40 -6.71
N ILE A 30 -4.87 -7.34 -6.53
CA ILE A 30 -6.24 -7.34 -7.04
C ILE A 30 -6.25 -7.31 -8.57
N TRP A 31 -5.36 -6.51 -9.16
CA TRP A 31 -5.31 -6.46 -10.62
C TRP A 31 -5.10 -7.87 -11.17
N LYS A 32 -4.17 -8.60 -10.56
CA LYS A 32 -3.86 -9.95 -10.99
C LYS A 32 -5.08 -10.86 -10.80
N ALA A 33 -5.82 -10.62 -9.72
CA ALA A 33 -7.00 -11.43 -9.44
C ALA A 33 -8.00 -11.35 -10.59
N LEU A 34 -8.20 -10.14 -11.12
CA LEU A 34 -9.14 -9.97 -12.24
C LEU A 34 -8.67 -10.76 -13.45
N ILE A 35 -7.37 -10.76 -13.72
CA ILE A 35 -6.85 -11.51 -14.85
C ILE A 35 -7.10 -13.00 -14.66
N HIS A 36 -6.84 -13.51 -13.46
CA HIS A 36 -7.08 -14.92 -13.18
C HIS A 36 -8.58 -15.23 -13.21
N LEU A 37 -9.37 -14.32 -12.65
CA LEU A 37 -10.81 -14.51 -12.59
C LEU A 37 -11.40 -14.59 -13.99
N SER A 38 -10.93 -13.72 -14.87
CA SER A 38 -11.38 -13.68 -16.26
C SER A 38 -11.02 -14.98 -16.96
N ASP A 39 -9.90 -15.58 -16.57
CA ASP A 39 -9.45 -16.83 -17.15
C ASP A 39 -10.05 -18.01 -16.41
N LEU A 40 -10.79 -17.72 -15.36
CA LEU A 40 -11.42 -18.77 -14.55
C LEU A 40 -12.93 -18.76 -14.84
N ARG A 41 -13.46 -19.88 -15.29
CA ARG A 41 -14.88 -19.98 -15.60
C ARG A 41 -15.72 -20.24 -14.34
N GLU A 42 -16.87 -19.60 -14.27
CA GLU A 42 -17.76 -19.77 -13.13
C GLU A 42 -19.09 -20.39 -13.57
N TYR A 43 -19.48 -21.48 -12.91
CA TYR A 43 -20.73 -22.15 -13.25
C TYR A 43 -21.89 -21.16 -13.28
#